data_7O4B
#
_entry.id   7O4B
#
_cell.length_a   180.649
_cell.length_b   180.649
_cell.length_c   223.466
_cell.angle_alpha   90.000
_cell.angle_beta   90.000
_cell.angle_gamma   120.000
#
_symmetry.space_group_name_H-M   'P 64 2 2'
#
loop_
_entity.id
_entity.type
_entity.pdbx_description
1 polymer 'Penicillin-binding protein 1'
2 non-polymer 'CITRIC ACID'
3 non-polymer 'SULFATE ION'
4 non-polymer 'OPEN FORM - PENICILLIN G'
5 water water
#
_entity_poly.entity_id   1
_entity_poly.type   'polypeptide(L)'
_entity_poly.pdbx_seq_one_letter_code
;MRGKIYDRNGKVLAEDVERYKLVAVIDKKASANSKKPRHVVDKKETAKKLSTVINMKPEEIEKRLSQKKAFQIEFGRKGT
NLTYQDKLKIEKMNLPGISLLPETERFYPNGNFASHLIGRAQKNPDTGELKGALGVEKIFDSYLSGSKGSLRYIHDIWGY
IAPNTKKEKQPKRGDDVHLTIDSNIQVFVEEALDGMVERYQPKDLFAVVMDAKTGEILAYSQRPTFNPETGKDFGKKWAN
DLYQNTYEPGSTFKSYGLAAAIQEGAFDPDKKYKSGHRDIMGSRISDWNRVGWGEIPMSLGFTYSSNTLMMHLQDLVGAD
KMKSWYERFGFGKSTKGMFDGEAPGQIGWSNELQQKTSSFGQSTTVTPVQMLQAQSAFFNDGNMLKPWFVNSVENPVSKR
QFYKGQKQIAGKPITKDTAEKVEKQLDLVVNSKKSHAANYRIDGYEVEGKTGTAQVAAPNGGGYVKGPNPYFVSFMGDAP
KKNPKVIVYAGMSLAQKNDQEAYELGVSKAFKPIMENTLKYLNVGKSKDDTSNAEYSKVPDVEGQDKQKAIDNVSAKSLE
PVTIGSGTQIKAQSIKAGNKVLPHSKVLLLTDGDLTMPDMSGWTKEDVIAFENLTNIKVNLKGSGFVSHQSISKGQKLTE
KDKIDVEFSS
;
_entity_poly.pdbx_strand_id   A,C
#
loop_
_chem_comp.id
_chem_comp.type
_chem_comp.name
_chem_comp.formula
CIT non-polymer 'CITRIC ACID' 'C6 H8 O7'
PNM non-polymer 'OPEN FORM - PENICILLIN G' 'C16 H20 N2 O4 S'
SO4 non-polymer 'SULFATE ION' 'O4 S -2'
#
# COMPACT_ATOMS: atom_id res chain seq x y z
N MET A 1 9.80 -6.34 -22.49
CA MET A 1 8.42 -6.87 -22.67
C MET A 1 7.51 -6.29 -21.59
N ARG A 2 6.70 -5.30 -21.95
CA ARG A 2 5.71 -4.61 -21.10
C ARG A 2 4.89 -5.61 -20.28
N GLY A 3 4.59 -5.22 -19.04
CA GLY A 3 3.93 -6.08 -18.04
C GLY A 3 2.50 -6.36 -18.42
N LYS A 4 1.92 -7.39 -17.84
CA LYS A 4 0.49 -7.69 -17.99
C LYS A 4 -0.36 -6.78 -17.07
N ILE A 5 -1.66 -6.77 -17.30
CA ILE A 5 -2.71 -6.19 -16.43
C ILE A 5 -3.71 -7.32 -16.26
N TYR A 6 -3.95 -7.70 -15.01
CA TYR A 6 -4.80 -8.86 -14.67
C TYR A 6 -6.03 -8.38 -13.91
N ASP A 7 -7.05 -9.22 -13.88
CA ASP A 7 -8.28 -8.99 -13.09
C ASP A 7 -8.10 -9.69 -11.74
N ARG A 8 -9.12 -9.62 -10.88
CA ARG A 8 -9.18 -10.19 -9.51
C ARG A 8 -8.72 -11.66 -9.58
N ASN A 9 -8.99 -12.37 -10.67
CA ASN A 9 -8.82 -13.85 -10.76
C ASN A 9 -7.70 -14.30 -11.72
N GLY A 10 -6.68 -13.47 -11.93
CA GLY A 10 -5.55 -13.81 -12.81
C GLY A 10 -5.91 -13.93 -14.29
N LYS A 11 -7.15 -13.60 -14.68
CA LYS A 11 -7.55 -13.45 -16.11
C LYS A 11 -6.90 -12.19 -16.68
N VAL A 12 -6.57 -12.20 -17.97
CA VAL A 12 -5.68 -11.18 -18.61
C VAL A 12 -6.54 -10.09 -19.23
N LEU A 13 -6.22 -8.83 -18.92
CA LEU A 13 -6.94 -7.66 -19.47
C LEU A 13 -6.02 -6.96 -20.47
N ALA A 14 -4.70 -7.04 -20.28
CA ALA A 14 -3.73 -6.52 -21.27
C ALA A 14 -2.45 -7.35 -21.22
N GLU A 15 -1.82 -7.57 -22.38
CA GLU A 15 -0.57 -8.37 -22.53
C GLU A 15 0.10 -7.99 -23.86
N ASP A 16 1.42 -8.10 -23.93
CA ASP A 16 2.20 -8.02 -25.20
C ASP A 16 2.04 -9.33 -25.97
N VAL A 17 2.01 -9.25 -27.29
CA VAL A 17 1.86 -10.44 -28.17
C VAL A 17 2.72 -10.22 -29.41
N GLU A 18 3.18 -11.35 -29.99
CA GLU A 18 3.91 -11.41 -31.28
C GLU A 18 2.89 -11.57 -32.41
N ARG A 19 2.77 -10.54 -33.23
CA ARG A 19 1.98 -10.54 -34.47
C ARG A 19 2.97 -10.26 -35.61
N TYR A 20 2.47 -10.24 -36.84
CA TYR A 20 3.32 -10.09 -38.04
C TYR A 20 2.72 -9.04 -38.97
N LYS A 21 3.59 -8.28 -39.63
CA LYS A 21 3.24 -7.27 -40.65
C LYS A 21 3.70 -7.76 -42.03
N LEU A 22 2.89 -7.54 -43.04
CA LEU A 22 3.12 -7.93 -44.45
C LEU A 22 3.86 -6.80 -45.17
N VAL A 23 4.96 -7.16 -45.83
CA VAL A 23 5.82 -6.28 -46.67
C VAL A 23 5.99 -6.96 -48.01
N ALA A 24 5.72 -6.22 -49.07
CA ALA A 24 5.89 -6.62 -50.49
C ALA A 24 6.94 -5.71 -51.13
N VAL A 25 8.00 -6.30 -51.68
CA VAL A 25 9.05 -5.60 -52.48
C VAL A 25 8.60 -5.57 -53.94
N ILE A 26 8.12 -4.42 -54.43
CA ILE A 26 7.47 -4.32 -55.78
C ILE A 26 8.51 -3.98 -56.86
N ASP A 27 9.50 -3.13 -56.54
CA ASP A 27 10.43 -2.53 -57.54
C ASP A 27 11.47 -3.55 -58.00
N LYS A 28 11.67 -3.63 -59.32
CA LYS A 28 12.42 -4.73 -60.01
C LYS A 28 13.90 -4.70 -59.60
N LYS A 29 14.27 -3.74 -58.72
CA LYS A 29 15.67 -3.41 -58.37
C LYS A 29 16.38 -4.62 -57.74
N ALA A 30 15.66 -5.59 -57.18
CA ALA A 30 16.22 -6.91 -56.80
C ALA A 30 16.26 -7.82 -58.04
N SER A 31 17.15 -7.51 -59.00
CA SER A 31 17.26 -8.16 -60.34
C SER A 31 18.64 -8.79 -60.53
N ALA A 32 19.36 -9.13 -59.44
CA ALA A 32 20.63 -9.91 -59.50
C ALA A 32 20.35 -11.31 -60.09
N ASN A 33 19.07 -11.73 -60.16
CA ASN A 33 18.60 -12.94 -60.87
C ASN A 33 17.12 -12.76 -61.22
N SER A 34 16.72 -12.80 -62.50
CA SER A 34 15.30 -12.90 -62.95
C SER A 34 14.78 -14.34 -62.73
N LYS A 35 15.70 -15.31 -62.64
CA LYS A 35 15.42 -16.76 -62.42
C LYS A 35 15.15 -16.97 -60.91
N LYS A 36 15.83 -16.22 -60.03
CA LYS A 36 15.64 -16.24 -58.54
C LYS A 36 15.22 -14.85 -58.03
N PRO A 37 13.99 -14.37 -58.37
CA PRO A 37 13.61 -12.98 -58.10
C PRO A 37 13.40 -12.75 -56.58
N ARG A 38 13.69 -11.52 -56.12
CA ARG A 38 13.51 -11.09 -54.71
C ARG A 38 12.46 -9.97 -54.66
N HIS A 39 11.76 -9.74 -55.78
CA HIS A 39 10.66 -8.75 -55.90
C HIS A 39 9.42 -9.44 -56.46
N VAL A 40 8.32 -8.70 -56.60
CA VAL A 40 7.00 -9.24 -57.04
C VAL A 40 6.87 -9.05 -58.55
N VAL A 41 6.93 -10.16 -59.30
CA VAL A 41 6.89 -10.24 -60.79
C VAL A 41 5.42 -10.28 -61.24
N ASP A 42 4.74 -11.43 -61.16
CA ASP A 42 3.31 -11.52 -61.53
C ASP A 42 2.50 -10.90 -60.39
N LYS A 43 1.97 -9.69 -60.62
CA LYS A 43 1.25 -8.91 -59.58
C LYS A 43 -0.11 -9.56 -59.35
N LYS A 44 -0.84 -9.88 -60.43
CA LYS A 44 -2.22 -10.45 -60.38
C LYS A 44 -2.21 -11.72 -59.53
N GLU A 45 -1.19 -12.57 -59.69
CA GLU A 45 -1.13 -13.98 -59.20
C GLU A 45 -0.53 -14.03 -57.79
N THR A 46 0.43 -13.16 -57.46
CA THR A 46 0.96 -12.93 -56.08
C THR A 46 -0.20 -12.42 -55.22
N ALA A 47 -0.94 -11.41 -55.72
CA ALA A 47 -2.11 -10.77 -55.07
C ALA A 47 -3.20 -11.82 -54.72
N LYS A 48 -3.44 -12.79 -55.58
CA LYS A 48 -4.54 -13.77 -55.45
C LYS A 48 -4.18 -14.82 -54.39
N LYS A 49 -2.91 -15.22 -54.29
CA LYS A 49 -2.44 -16.35 -53.46
C LYS A 49 -2.37 -15.96 -51.97
N LEU A 50 -2.35 -14.65 -51.67
CA LEU A 50 -2.37 -14.17 -50.27
C LEU A 50 -3.77 -13.66 -49.91
N SER A 51 -4.67 -13.43 -50.88
CA SER A 51 -6.13 -13.21 -50.66
C SER A 51 -6.73 -14.38 -49.87
N THR A 52 -6.15 -15.58 -50.04
CA THR A 52 -6.52 -16.83 -49.34
C THR A 52 -6.24 -16.75 -47.82
N VAL A 53 -5.36 -15.84 -47.38
CA VAL A 53 -4.89 -15.71 -45.96
C VAL A 53 -5.30 -14.35 -45.38
N ILE A 54 -5.06 -13.25 -46.10
CA ILE A 54 -5.36 -11.86 -45.63
C ILE A 54 -6.83 -11.58 -45.95
N ASN A 55 -7.22 -10.30 -46.02
CA ASN A 55 -8.62 -9.80 -46.10
C ASN A 55 -9.33 -10.29 -47.38
N MET A 56 -8.61 -10.89 -48.35
CA MET A 56 -9.19 -11.44 -49.60
C MET A 56 -9.72 -10.28 -50.47
N LYS A 57 -8.84 -9.38 -50.92
CA LYS A 57 -9.22 -8.26 -51.83
C LYS A 57 -8.33 -8.25 -53.08
N PRO A 58 -8.29 -9.34 -53.90
CA PRO A 58 -7.25 -9.51 -54.92
C PRO A 58 -6.97 -8.26 -55.77
N GLU A 59 -7.99 -7.41 -55.98
CA GLU A 59 -7.90 -6.14 -56.76
C GLU A 59 -7.23 -5.03 -55.93
N GLU A 60 -7.69 -4.83 -54.69
CA GLU A 60 -7.15 -3.81 -53.73
C GLU A 60 -5.67 -4.10 -53.46
N ILE A 61 -5.31 -5.39 -53.41
CA ILE A 61 -3.92 -5.89 -53.17
C ILE A 61 -3.08 -5.54 -54.40
N GLU A 62 -3.51 -6.02 -55.58
CA GLU A 62 -2.88 -5.75 -56.90
C GLU A 62 -2.81 -4.23 -57.17
N LYS A 63 -3.83 -3.46 -56.73
CA LYS A 63 -3.84 -1.96 -56.80
C LYS A 63 -2.64 -1.40 -56.03
N ARG A 64 -2.52 -1.78 -54.75
CA ARG A 64 -1.47 -1.32 -53.79
C ARG A 64 -0.08 -1.78 -54.26
N LEU A 65 -0.01 -2.96 -54.88
CA LEU A 65 1.24 -3.54 -55.46
C LEU A 65 1.73 -2.68 -56.65
N SER A 66 1.04 -1.56 -56.94
CA SER A 66 1.37 -0.61 -58.05
C SER A 66 1.49 0.81 -57.49
N GLN A 67 2.72 1.28 -57.21
CA GLN A 67 3.07 2.63 -56.69
C GLN A 67 4.18 3.24 -57.55
N LYS A 68 5.02 4.12 -56.98
CA LYS A 68 5.99 4.99 -57.74
C LYS A 68 7.31 5.14 -56.95
N LYS A 69 8.38 4.49 -57.46
CA LYS A 69 9.81 4.67 -57.05
C LYS A 69 10.07 4.25 -55.59
N ALA A 70 9.16 3.46 -55.01
CA ALA A 70 9.25 2.82 -53.67
C ALA A 70 9.58 1.32 -53.83
N PHE A 71 10.77 0.92 -53.34
CA PHE A 71 11.25 -0.49 -53.20
C PHE A 71 10.19 -1.36 -52.52
N GLN A 72 9.77 -0.98 -51.30
CA GLN A 72 8.83 -1.73 -50.42
C GLN A 72 7.49 -1.01 -50.31
N ILE A 73 6.44 -1.77 -50.01
CA ILE A 73 5.12 -1.20 -49.63
C ILE A 73 4.53 -2.04 -48.50
N GLU A 74 3.58 -1.43 -47.77
CA GLU A 74 2.74 -2.04 -46.71
C GLU A 74 1.29 -2.03 -47.20
N PHE A 75 0.39 -2.74 -46.51
CA PHE A 75 -1.07 -2.81 -46.83
C PHE A 75 -1.88 -2.26 -45.65
N GLY A 76 -1.48 -1.08 -45.11
CA GLY A 76 -2.13 -0.43 -43.96
C GLY A 76 -2.48 -1.42 -42.86
N ARG A 77 -3.69 -1.34 -42.31
CA ARG A 77 -4.11 -2.02 -41.05
C ARG A 77 -4.47 -3.49 -41.27
N LYS A 78 -4.96 -3.88 -42.45
CA LYS A 78 -5.44 -5.29 -42.64
C LYS A 78 -4.23 -6.22 -42.85
N GLY A 79 -3.05 -5.64 -43.11
CA GLY A 79 -1.77 -6.36 -43.32
C GLY A 79 -0.80 -6.20 -42.16
N THR A 80 -1.24 -5.63 -41.02
CA THR A 80 -0.58 -5.69 -39.68
C THR A 80 -1.39 -6.65 -38.81
N ASN A 81 -0.84 -7.08 -37.67
CA ASN A 81 -1.59 -7.85 -36.64
C ASN A 81 -2.08 -9.16 -37.30
N LEU A 82 -1.18 -10.01 -37.78
CA LEU A 82 -1.52 -11.32 -38.43
C LEU A 82 -0.96 -12.47 -37.57
N THR A 83 -1.72 -13.56 -37.43
CA THR A 83 -1.38 -14.74 -36.60
C THR A 83 -0.04 -15.35 -37.00
N TYR A 84 0.54 -16.22 -36.17
CA TYR A 84 1.78 -16.99 -36.49
C TYR A 84 1.49 -18.08 -37.52
N GLN A 85 0.22 -18.48 -37.69
CA GLN A 85 -0.19 -19.42 -38.76
C GLN A 85 -0.25 -18.65 -40.10
N ASP A 86 -0.82 -17.43 -40.10
CA ASP A 86 -0.88 -16.51 -41.26
C ASP A 86 0.52 -16.25 -41.86
N LYS A 87 1.57 -16.34 -41.05
CA LYS A 87 2.98 -16.22 -41.49
C LYS A 87 3.36 -17.52 -42.21
N LEU A 88 3.29 -18.66 -41.50
CA LEU A 88 3.68 -20.01 -42.02
C LEU A 88 2.90 -20.33 -43.31
N LYS A 89 1.64 -19.91 -43.42
CA LYS A 89 0.78 -20.07 -44.61
C LYS A 89 1.41 -19.33 -45.80
N ILE A 90 1.70 -18.04 -45.62
CA ILE A 90 2.24 -17.16 -46.69
C ILE A 90 3.70 -17.54 -46.97
N GLU A 91 4.42 -18.09 -46.00
CA GLU A 91 5.84 -18.52 -46.19
C GLU A 91 5.91 -19.83 -47.01
N LYS A 92 4.97 -20.77 -46.82
CA LYS A 92 4.87 -22.07 -47.57
C LYS A 92 4.72 -21.79 -49.07
N MET A 93 3.97 -20.75 -49.44
CA MET A 93 3.69 -20.36 -50.85
C MET A 93 4.94 -19.78 -51.56
N ASN A 94 6.01 -19.44 -50.84
CA ASN A 94 7.33 -19.12 -51.45
C ASN A 94 7.24 -17.93 -52.40
N LEU A 95 6.26 -17.01 -52.23
CA LEU A 95 6.06 -15.87 -53.17
C LEU A 95 7.33 -15.02 -53.14
N PRO A 96 7.70 -14.41 -54.29
CA PRO A 96 8.90 -13.60 -54.37
C PRO A 96 8.49 -12.15 -54.05
N GLY A 97 9.26 -11.48 -53.18
CA GLY A 97 9.07 -10.08 -52.72
C GLY A 97 8.35 -9.99 -51.38
N ILE A 98 7.38 -10.89 -51.18
CA ILE A 98 6.53 -11.03 -49.97
C ILE A 98 7.42 -11.54 -48.84
N SER A 99 7.51 -10.77 -47.75
CA SER A 99 8.01 -11.22 -46.44
C SER A 99 7.04 -10.76 -45.34
N LEU A 100 7.27 -11.27 -44.12
CA LEU A 100 6.51 -10.92 -42.89
C LEU A 100 7.50 -10.54 -41.79
N LEU A 101 7.51 -9.25 -41.43
CA LEU A 101 8.27 -8.67 -40.29
C LEU A 101 7.53 -8.98 -39.01
N PRO A 102 8.22 -9.36 -37.93
CA PRO A 102 7.60 -9.51 -36.62
C PRO A 102 7.29 -8.14 -36.02
N GLU A 103 6.19 -8.07 -35.25
CA GLU A 103 5.73 -6.84 -34.56
C GLU A 103 5.22 -7.27 -33.18
N THR A 104 5.60 -6.54 -32.13
CA THR A 104 5.05 -6.75 -30.76
C THR A 104 3.91 -5.76 -30.56
N GLU A 105 2.68 -6.27 -30.41
CA GLU A 105 1.48 -5.44 -30.25
C GLU A 105 0.97 -5.55 -28.81
N ARG A 106 0.30 -4.52 -28.33
CA ARG A 106 -0.48 -4.57 -27.07
C ARG A 106 -1.86 -5.16 -27.37
N PHE A 107 -2.29 -6.16 -26.61
CA PHE A 107 -3.51 -6.93 -26.90
C PHE A 107 -4.43 -6.91 -25.68
N TYR A 108 -5.70 -6.53 -25.90
CA TYR A 108 -6.77 -6.50 -24.87
C TYR A 108 -7.77 -7.59 -25.20
N PRO A 109 -7.59 -8.81 -24.66
CA PRO A 109 -8.53 -9.92 -24.88
C PRO A 109 -10.03 -9.62 -24.92
N ASN A 110 -10.52 -8.67 -24.12
CA ASN A 110 -11.98 -8.41 -24.01
C ASN A 110 -12.34 -7.15 -24.83
N GLY A 111 -11.36 -6.51 -25.45
CA GLY A 111 -11.58 -5.36 -26.36
C GLY A 111 -12.13 -4.19 -25.59
N ASN A 112 -13.33 -3.74 -25.95
CA ASN A 112 -14.06 -2.71 -25.17
C ASN A 112 -14.54 -3.31 -23.85
N PHE A 113 -13.85 -2.97 -22.76
CA PHE A 113 -13.92 -3.64 -21.44
C PHE A 113 -13.17 -2.78 -20.44
N ALA A 114 -13.85 -2.26 -19.43
CA ALA A 114 -13.24 -1.39 -18.40
C ALA A 114 -12.27 -0.42 -19.09
N SER A 115 -12.57 0.00 -20.30
CA SER A 115 -11.61 0.69 -21.18
C SER A 115 -11.05 1.96 -20.52
N HIS A 116 -11.85 2.67 -19.72
CA HIS A 116 -11.41 3.99 -19.15
C HIS A 116 -10.67 3.80 -17.83
N LEU A 117 -10.80 2.64 -17.20
CA LEU A 117 -9.93 2.19 -16.07
C LEU A 117 -8.61 1.63 -16.59
N ILE A 118 -8.65 0.57 -17.42
CA ILE A 118 -7.47 -0.12 -18.02
C ILE A 118 -6.63 0.88 -18.85
N GLY A 119 -7.27 1.65 -19.70
CA GLY A 119 -6.58 2.61 -20.56
C GLY A 119 -5.99 1.94 -21.77
N ARG A 120 -5.05 2.63 -22.43
CA ARG A 120 -4.44 2.17 -23.69
C ARG A 120 -2.96 2.56 -23.70
N ALA A 121 -2.12 1.66 -24.21
CA ALA A 121 -0.69 1.92 -24.53
C ALA A 121 -0.52 2.17 -26.03
N GLN A 122 0.26 3.16 -26.42
CA GLN A 122 0.48 3.52 -27.84
C GLN A 122 1.92 3.18 -28.24
N LYS A 123 2.12 2.77 -29.49
CA LYS A 123 3.40 2.21 -29.97
C LYS A 123 4.16 3.32 -30.68
N ASN A 124 5.40 3.58 -30.29
CA ASN A 124 6.37 4.34 -31.11
C ASN A 124 6.81 3.42 -32.24
N PRO A 125 6.47 3.70 -33.52
CA PRO A 125 6.81 2.80 -34.62
C PRO A 125 8.32 2.55 -34.78
N ASP A 126 9.12 3.57 -34.46
CA ASP A 126 10.60 3.58 -34.68
C ASP A 126 11.29 2.55 -33.78
N THR A 127 10.71 2.26 -32.62
CA THR A 127 11.33 1.42 -31.55
C THR A 127 10.38 0.29 -31.15
N GLY A 128 9.11 0.37 -31.54
CA GLY A 128 8.04 -0.49 -31.00
C GLY A 128 7.84 -0.28 -29.50
N GLU A 129 8.45 0.75 -28.91
CA GLU A 129 8.27 1.10 -27.47
C GLU A 129 6.84 1.56 -27.17
N LEU A 130 6.19 0.94 -26.19
CA LEU A 130 4.82 1.25 -25.74
C LEU A 130 4.81 2.23 -24.57
N LYS A 131 3.97 3.29 -24.65
CA LYS A 131 3.73 4.27 -23.56
C LYS A 131 2.23 4.31 -23.21
N GLY A 132 1.88 4.05 -21.94
CA GLY A 132 0.53 4.25 -21.39
C GLY A 132 0.04 5.67 -21.65
N ALA A 133 -1.15 5.83 -22.23
CA ALA A 133 -1.70 7.14 -22.65
C ALA A 133 -2.90 7.53 -21.77
N LEU A 134 -3.46 6.56 -21.04
CA LEU A 134 -4.63 6.78 -20.15
C LEU A 134 -4.78 5.59 -19.21
N GLY A 135 -5.39 5.82 -18.04
CA GLY A 135 -5.78 4.74 -17.11
C GLY A 135 -4.57 4.01 -16.56
N VAL A 136 -4.80 2.77 -16.10
CA VAL A 136 -3.76 1.91 -15.48
C VAL A 136 -2.49 1.94 -16.35
N GLU A 137 -2.59 1.61 -17.64
CA GLU A 137 -1.45 1.74 -18.60
C GLU A 137 -0.65 3.03 -18.31
N LYS A 138 -1.27 4.21 -18.23
CA LYS A 138 -0.54 5.49 -18.01
C LYS A 138 -0.01 5.60 -16.58
N ILE A 139 -0.88 5.37 -15.59
CA ILE A 139 -0.57 5.54 -14.15
C ILE A 139 0.68 4.73 -13.82
N PHE A 140 0.62 3.42 -14.09
CA PHE A 140 1.67 2.43 -13.73
C PHE A 140 2.63 2.13 -14.90
N ASP A 141 2.98 3.13 -15.73
CA ASP A 141 3.75 2.92 -16.97
C ASP A 141 5.16 2.45 -16.58
N SER A 142 5.86 3.24 -15.78
CA SER A 142 7.23 2.90 -15.31
C SER A 142 7.27 1.48 -14.71
N TYR A 143 6.26 1.02 -13.99
CA TYR A 143 6.24 -0.37 -13.45
C TYR A 143 6.03 -1.37 -14.60
N LEU A 144 5.18 -1.02 -15.56
CA LEU A 144 4.78 -1.94 -16.66
C LEU A 144 5.89 -2.03 -17.72
N SER A 145 6.55 -0.92 -18.05
CA SER A 145 7.75 -0.80 -18.93
C SER A 145 8.92 -1.69 -18.46
N GLY A 146 9.54 -2.43 -19.40
CA GLY A 146 10.65 -3.36 -19.13
C GLY A 146 12.01 -2.68 -19.18
N GLN A 170 20.06 -9.14 -20.45
CA GLN A 170 19.94 -7.84 -21.16
C GLN A 170 18.46 -7.45 -21.28
N PRO A 171 17.55 -8.27 -21.88
CA PRO A 171 16.14 -7.87 -22.00
C PRO A 171 15.33 -8.00 -20.69
N LYS A 172 15.06 -6.87 -19.99
CA LYS A 172 14.28 -6.81 -18.71
C LYS A 172 12.77 -6.84 -19.02
N ARG A 173 12.04 -7.71 -18.31
CA ARG A 173 10.58 -7.94 -18.42
C ARG A 173 9.86 -7.08 -17.37
N GLY A 174 8.89 -6.27 -17.79
CA GLY A 174 8.18 -5.30 -16.94
C GLY A 174 7.33 -5.95 -15.86
N ASP A 175 6.85 -5.16 -14.90
CA ASP A 175 6.13 -5.66 -13.70
C ASP A 175 4.63 -5.74 -14.03
N ASP A 176 3.94 -6.70 -13.47
CA ASP A 176 2.48 -6.91 -13.66
C ASP A 176 1.71 -5.99 -12.70
N VAL A 177 0.49 -5.58 -13.09
CA VAL A 177 -0.48 -4.80 -12.27
C VAL A 177 -1.75 -5.63 -12.12
N HIS A 178 -2.13 -5.99 -10.90
CA HIS A 178 -3.35 -6.78 -10.59
C HIS A 178 -4.47 -5.85 -10.09
N LEU A 179 -5.64 -5.88 -10.74
CA LEU A 179 -6.81 -5.04 -10.38
C LEU A 179 -7.76 -5.88 -9.54
N THR A 180 -8.76 -5.22 -8.93
CA THR A 180 -9.85 -5.83 -8.11
C THR A 180 -11.03 -6.17 -8.99
N ILE A 181 -11.06 -5.64 -10.23
CA ILE A 181 -12.08 -5.86 -11.29
C ILE A 181 -12.33 -7.36 -11.41
N ASP A 182 -13.57 -7.79 -11.42
CA ASP A 182 -13.94 -9.21 -11.64
C ASP A 182 -14.55 -9.30 -13.02
N SER A 183 -13.90 -9.99 -13.94
CA SER A 183 -14.25 -9.98 -15.38
C SER A 183 -15.71 -10.43 -15.54
N ASN A 184 -16.23 -11.28 -14.65
CA ASN A 184 -17.61 -11.82 -14.78
C ASN A 184 -18.62 -10.71 -14.55
N ILE A 185 -18.38 -9.90 -13.51
CA ILE A 185 -19.27 -8.76 -13.10
C ILE A 185 -19.07 -7.65 -14.14
N GLN A 186 -17.81 -7.38 -14.52
CA GLN A 186 -17.50 -6.32 -15.51
C GLN A 186 -18.31 -6.57 -16.78
N VAL A 187 -18.61 -7.82 -17.09
CA VAL A 187 -19.40 -8.21 -18.30
C VAL A 187 -20.85 -7.74 -18.11
N PHE A 188 -21.48 -8.10 -16.99
CA PHE A 188 -22.83 -7.64 -16.60
C PHE A 188 -22.94 -6.13 -16.80
N VAL A 189 -21.96 -5.37 -16.32
CA VAL A 189 -21.93 -3.89 -16.40
C VAL A 189 -21.82 -3.47 -17.87
N GLU A 190 -21.03 -4.19 -18.67
CA GLU A 190 -20.75 -3.76 -20.07
C GLU A 190 -22.01 -3.96 -20.89
N GLU A 191 -22.76 -5.05 -20.66
CA GLU A 191 -24.00 -5.39 -21.41
C GLU A 191 -25.07 -4.36 -21.05
N ALA A 192 -25.27 -4.12 -19.75
CA ALA A 192 -26.28 -3.18 -19.22
C ALA A 192 -26.05 -1.77 -19.77
N LEU A 193 -24.83 -1.24 -19.73
CA LEU A 193 -24.58 0.12 -20.27
C LEU A 193 -24.76 0.12 -21.80
N ASP A 194 -24.55 -1.02 -22.47
CA ASP A 194 -24.71 -1.15 -23.95
C ASP A 194 -26.20 -0.96 -24.28
N GLY A 195 -27.08 -1.59 -23.50
CA GLY A 195 -28.54 -1.49 -23.60
C GLY A 195 -29.04 -0.06 -23.35
N MET A 196 -28.49 0.60 -22.36
CA MET A 196 -28.91 1.97 -21.96
C MET A 196 -28.53 2.95 -23.05
N VAL A 197 -27.49 2.65 -23.83
CA VAL A 197 -27.09 3.57 -24.95
C VAL A 197 -28.09 3.38 -26.09
N GLU A 198 -28.50 2.14 -26.36
CA GLU A 198 -29.48 1.81 -27.43
C GLU A 198 -30.83 2.45 -27.08
N ARG A 199 -31.17 2.54 -25.78
CA ARG A 199 -32.51 2.98 -25.30
C ARG A 199 -32.55 4.48 -25.04
N TYR A 200 -31.47 5.10 -24.60
CA TYR A 200 -31.53 6.53 -24.15
C TYR A 200 -30.46 7.38 -24.84
N GLN A 201 -29.52 6.78 -25.59
CA GLN A 201 -28.41 7.52 -26.26
C GLN A 201 -28.00 8.74 -25.45
N PRO A 202 -27.49 8.56 -24.20
CA PRO A 202 -27.19 9.68 -23.31
C PRO A 202 -25.81 10.28 -23.60
N LYS A 203 -25.60 11.54 -23.20
CA LYS A 203 -24.32 12.27 -23.36
C LYS A 203 -23.23 11.64 -22.48
N ASP A 204 -23.60 11.12 -21.32
CA ASP A 204 -22.67 10.51 -20.33
C ASP A 204 -23.44 9.44 -19.54
N LEU A 205 -22.75 8.44 -19.05
CA LEU A 205 -23.37 7.26 -18.42
C LEU A 205 -22.23 6.49 -17.75
N PHE A 206 -22.46 5.94 -16.57
CA PHE A 206 -21.45 5.13 -15.84
C PHE A 206 -22.18 4.17 -14.91
N ALA A 207 -21.53 3.07 -14.58
CA ALA A 207 -21.96 2.20 -13.47
C ALA A 207 -20.71 1.67 -12.77
N VAL A 208 -20.79 1.47 -11.46
CA VAL A 208 -19.67 0.97 -10.64
C VAL A 208 -20.26 0.03 -9.61
N VAL A 209 -19.68 -1.16 -9.50
CA VAL A 209 -19.96 -2.13 -8.42
C VAL A 209 -18.78 -2.07 -7.47
N MET A 210 -19.06 -2.03 -6.17
CA MET A 210 -18.06 -1.95 -5.08
C MET A 210 -18.45 -3.01 -4.07
N ASP A 211 -17.48 -3.70 -3.49
CA ASP A 211 -17.71 -4.58 -2.31
C ASP A 211 -18.12 -3.67 -1.15
N ALA A 212 -19.32 -3.85 -0.62
CA ALA A 212 -19.88 -3.05 0.49
C ALA A 212 -18.95 -3.07 1.69
N LYS A 213 -18.25 -4.18 1.90
CA LYS A 213 -17.48 -4.50 3.13
C LYS A 213 -15.99 -4.20 2.99
N THR A 214 -15.46 -3.93 1.78
CA THR A 214 -13.99 -3.78 1.55
C THR A 214 -13.65 -2.49 0.79
N GLY A 215 -14.56 -2.04 -0.09
CA GLY A 215 -14.39 -0.84 -0.94
C GLY A 215 -13.56 -1.13 -2.17
N GLU A 216 -13.50 -2.41 -2.54
CA GLU A 216 -12.85 -2.90 -3.78
C GLU A 216 -13.81 -2.64 -4.95
N ILE A 217 -13.37 -1.88 -5.96
CA ILE A 217 -14.12 -1.72 -7.24
C ILE A 217 -14.15 -3.08 -7.91
N LEU A 218 -15.29 -3.76 -7.94
CA LEU A 218 -15.45 -5.08 -8.60
C LEU A 218 -15.76 -4.91 -10.09
N ALA A 219 -16.21 -3.75 -10.53
CA ALA A 219 -16.61 -3.49 -11.95
C ALA A 219 -16.81 -1.99 -12.14
N TYR A 220 -16.40 -1.46 -13.28
CA TYR A 220 -16.56 -0.04 -13.59
C TYR A 220 -16.58 0.15 -15.10
N SER A 221 -17.58 0.83 -15.63
CA SER A 221 -17.61 1.24 -17.06
C SER A 221 -18.32 2.57 -17.23
N GLN A 222 -18.16 3.17 -18.41
CA GLN A 222 -18.76 4.45 -18.75
C GLN A 222 -19.03 4.46 -20.25
N ARG A 223 -19.96 5.30 -20.72
CA ARG A 223 -20.23 5.59 -22.15
C ARG A 223 -20.38 7.10 -22.30
N PRO A 224 -19.93 7.72 -23.40
CA PRO A 224 -19.12 7.06 -24.43
C PRO A 224 -17.71 6.75 -23.93
N THR A 225 -17.09 5.73 -24.55
CA THR A 225 -15.76 5.19 -24.19
C THR A 225 -15.03 4.82 -25.49
N PHE A 226 -13.96 4.04 -25.39
CA PHE A 226 -13.10 3.68 -26.55
C PHE A 226 -12.83 2.17 -26.47
N ASN A 227 -12.26 1.66 -27.54
CA ASN A 227 -11.74 0.27 -27.58
C ASN A 227 -10.22 0.33 -27.50
N PRO A 228 -9.61 -0.18 -26.40
CA PRO A 228 -8.16 -0.09 -26.24
C PRO A 228 -7.46 -0.91 -27.33
N GLU A 229 -8.08 -2.00 -27.80
CA GLU A 229 -7.56 -2.92 -28.84
C GLU A 229 -7.41 -2.15 -30.16
N THR A 230 -8.52 -1.75 -30.75
CA THR A 230 -8.60 -1.08 -32.08
C THR A 230 -8.10 0.37 -32.01
N GLY A 231 -8.26 1.02 -30.85
CA GLY A 231 -8.00 2.46 -30.65
C GLY A 231 -9.19 3.34 -31.03
N LYS A 232 -10.36 2.75 -31.34
CA LYS A 232 -11.53 3.50 -31.86
C LYS A 232 -12.07 4.38 -30.73
N ASP A 233 -12.12 5.68 -31.00
CA ASP A 233 -12.79 6.73 -30.17
C ASP A 233 -11.84 7.16 -29.04
N PHE A 234 -10.58 6.73 -29.06
CA PHE A 234 -9.59 7.14 -28.03
C PHE A 234 -9.34 8.65 -28.18
N GLY A 235 -9.40 9.38 -27.05
CA GLY A 235 -9.09 10.82 -26.98
C GLY A 235 -10.30 11.70 -27.32
N LYS A 236 -11.49 11.10 -27.42
CA LYS A 236 -12.75 11.87 -27.54
C LYS A 236 -13.18 12.35 -26.16
N LYS A 237 -12.95 11.53 -25.14
CA LYS A 237 -13.12 11.90 -23.72
C LYS A 237 -11.97 11.31 -22.90
N TRP A 238 -11.02 12.17 -22.53
CA TRP A 238 -9.95 11.80 -21.57
C TRP A 238 -10.48 11.40 -20.20
N ALA A 239 -11.59 11.98 -19.76
CA ALA A 239 -11.99 11.96 -18.35
C ALA A 239 -12.57 10.60 -17.94
N ASN A 240 -11.99 10.02 -16.90
CA ASN A 240 -12.54 8.83 -16.20
C ASN A 240 -13.66 9.35 -15.33
N ASP A 241 -14.87 8.80 -15.46
CA ASP A 241 -16.08 9.30 -14.76
C ASP A 241 -15.91 9.07 -13.26
N LEU A 242 -15.44 7.89 -12.85
CA LEU A 242 -15.33 7.49 -11.42
C LEU A 242 -14.46 8.48 -10.62
N TYR A 243 -13.43 9.08 -11.21
CA TYR A 243 -12.32 9.75 -10.45
C TYR A 243 -12.10 11.19 -10.92
N GLN A 244 -12.30 11.52 -12.20
CA GLN A 244 -11.84 12.84 -12.76
C GLN A 244 -13.01 13.72 -13.22
N ASN A 245 -14.22 13.16 -13.32
CA ASN A 245 -15.42 13.90 -13.75
C ASN A 245 -16.22 14.29 -12.51
N THR A 246 -16.73 15.52 -12.47
CA THR A 246 -17.59 15.98 -11.34
C THR A 246 -19.04 16.07 -11.79
N TYR A 247 -19.95 15.77 -10.88
CA TYR A 247 -21.41 15.86 -11.08
C TYR A 247 -22.05 16.67 -9.96
N GLU A 248 -23.17 17.30 -10.26
CA GLU A 248 -24.16 17.73 -9.24
C GLU A 248 -24.96 16.48 -8.93
N PRO A 249 -24.72 15.82 -7.81
CA PRO A 249 -25.19 14.46 -7.61
C PRO A 249 -26.72 14.34 -7.70
N GLY A 250 -27.41 15.36 -7.19
CA GLY A 250 -28.86 15.31 -6.96
C GLY A 250 -29.17 14.58 -5.66
N SER A 251 -30.34 13.93 -5.58
CA SER A 251 -31.00 13.59 -4.30
C SER A 251 -30.37 12.34 -3.66
N THR A 252 -29.36 11.75 -4.28
CA THR A 252 -28.56 10.63 -3.71
C THR A 252 -27.80 11.18 -2.49
N PHE A 253 -27.46 12.48 -2.57
CA PHE A 253 -26.68 13.30 -1.60
C PHE A 253 -27.52 13.62 -0.36
N LYS A 254 -28.80 13.24 -0.35
CA LYS A 254 -29.70 13.50 0.80
C LYS A 254 -29.37 12.53 1.93
N SER A 255 -28.83 11.35 1.60
CA SER A 255 -28.53 10.32 2.63
C SER A 255 -27.53 10.89 3.63
N TYR A 256 -26.65 11.81 3.24
CA TYR A 256 -25.54 12.28 4.10
C TYR A 256 -26.10 13.35 5.03
N GLY A 257 -26.96 14.23 4.49
CA GLY A 257 -27.73 15.22 5.27
C GLY A 257 -28.65 14.54 6.28
N LEU A 258 -29.32 13.47 5.87
CA LEU A 258 -30.22 12.70 6.76
C LEU A 258 -29.41 12.08 7.89
N ALA A 259 -28.22 11.55 7.59
CA ALA A 259 -27.33 10.96 8.60
C ALA A 259 -26.93 12.07 9.57
N ALA A 260 -26.46 13.22 9.10
CA ALA A 260 -26.06 14.35 9.98
C ALA A 260 -27.25 14.73 10.88
N ALA A 261 -28.45 14.80 10.34
CA ALA A 261 -29.68 15.19 11.07
C ALA A 261 -30.04 14.14 12.12
N ILE A 262 -29.97 12.86 11.78
CA ILE A 262 -30.24 11.76 12.75
C ILE A 262 -29.25 11.87 13.91
N GLN A 263 -27.99 12.12 13.61
CA GLN A 263 -26.95 12.18 14.66
C GLN A 263 -27.24 13.41 15.52
N GLU A 264 -27.65 14.53 14.91
CA GLU A 264 -27.83 15.84 15.60
C GLU A 264 -29.14 15.85 16.40
N GLY A 265 -30.11 14.98 16.07
CA GLY A 265 -31.41 14.89 16.76
C GLY A 265 -32.55 15.53 15.96
N ALA A 266 -32.22 16.35 14.95
CA ALA A 266 -33.15 17.08 14.05
C ALA A 266 -34.19 16.15 13.40
N PHE A 267 -33.84 14.90 13.09
CA PHE A 267 -34.70 14.00 12.28
C PHE A 267 -35.32 12.94 13.19
N ASP A 268 -36.63 12.93 13.30
CA ASP A 268 -37.41 11.85 13.95
C ASP A 268 -38.38 11.33 12.91
N PRO A 269 -38.34 10.03 12.56
CA PRO A 269 -39.12 9.53 11.44
C PRO A 269 -40.62 9.84 11.57
N ASP A 270 -41.14 9.99 12.80
CA ASP A 270 -42.61 10.06 13.09
C ASP A 270 -43.05 11.51 13.36
N LYS A 271 -42.13 12.42 13.76
CA LYS A 271 -42.42 13.87 13.84
C LYS A 271 -42.91 14.35 12.46
N LYS A 272 -43.86 15.28 12.46
CA LYS A 272 -44.42 15.94 11.26
C LYS A 272 -43.65 17.24 10.93
N TYR A 273 -43.59 17.59 9.65
CA TYR A 273 -42.94 18.84 9.15
C TYR A 273 -43.85 19.42 8.06
N LYS A 274 -43.72 20.72 7.83
CA LYS A 274 -44.51 21.46 6.81
C LYS A 274 -43.79 21.31 5.47
N SER A 275 -44.33 20.43 4.63
CA SER A 275 -43.89 20.25 3.23
C SER A 275 -44.38 21.44 2.38
N GLY A 276 -44.10 21.43 1.08
CA GLY A 276 -44.60 22.45 0.14
C GLY A 276 -43.47 23.23 -0.51
N HIS A 277 -42.90 24.20 0.19
CA HIS A 277 -41.88 25.13 -0.39
C HIS A 277 -41.13 25.87 0.71
N ARG A 278 -40.09 26.59 0.34
CA ARG A 278 -39.35 27.48 1.24
C ARG A 278 -38.91 28.67 0.38
N ASP A 279 -38.84 29.84 1.02
CA ASP A 279 -38.46 31.12 0.37
C ASP A 279 -37.02 31.33 0.82
N ILE A 280 -36.08 31.21 -0.11
CA ILE A 280 -34.60 31.26 0.15
C ILE A 280 -34.02 32.43 -0.63
N MET A 281 -33.42 33.41 0.06
CA MET A 281 -32.90 34.65 -0.58
C MET A 281 -33.87 35.11 -1.68
N GLY A 282 -35.17 35.17 -1.38
CA GLY A 282 -36.19 35.67 -2.32
C GLY A 282 -36.69 34.66 -3.35
N SER A 283 -35.98 33.56 -3.62
CA SER A 283 -36.40 32.51 -4.58
C SER A 283 -37.27 31.46 -3.87
N ARG A 284 -38.23 30.87 -4.60
CA ARG A 284 -39.17 29.87 -4.03
C ARG A 284 -38.74 28.48 -4.51
N ILE A 285 -37.99 27.78 -3.67
CA ILE A 285 -37.58 26.36 -3.88
C ILE A 285 -38.70 25.49 -3.34
N SER A 286 -39.19 24.55 -4.14
CA SER A 286 -40.39 23.75 -3.81
C SER A 286 -40.11 22.26 -3.97
N ASP A 287 -40.94 21.42 -3.35
CA ASP A 287 -40.98 19.95 -3.57
C ASP A 287 -41.24 19.74 -5.06
N TRP A 288 -41.14 18.49 -5.51
CA TRP A 288 -41.07 18.19 -6.97
C TRP A 288 -42.46 18.26 -7.59
N ASN A 289 -43.52 17.95 -6.84
CA ASN A 289 -44.95 18.06 -7.25
C ASN A 289 -45.48 19.50 -7.07
N ARG A 290 -44.66 20.41 -6.54
CA ARG A 290 -44.88 21.89 -6.41
C ARG A 290 -45.79 22.21 -5.22
N VAL A 291 -46.88 21.47 -5.06
CA VAL A 291 -47.86 21.65 -3.95
C VAL A 291 -47.30 21.15 -2.61
N GLY A 292 -46.62 20.00 -2.58
CA GLY A 292 -46.23 19.29 -1.36
C GLY A 292 -47.26 18.24 -0.97
N TRP A 293 -47.32 17.90 0.32
CA TRP A 293 -48.31 16.95 0.91
C TRP A 293 -48.79 17.50 2.26
N GLY A 294 -48.64 18.81 2.47
CA GLY A 294 -48.89 19.49 3.75
C GLY A 294 -48.03 18.90 4.85
N GLU A 295 -48.61 18.65 6.02
CA GLU A 295 -47.91 18.11 7.21
C GLU A 295 -47.84 16.60 7.07
N ILE A 296 -46.65 16.08 6.79
CA ILE A 296 -46.37 14.62 6.71
C ILE A 296 -45.23 14.30 7.67
N PRO A 297 -45.12 13.02 8.08
CA PRO A 297 -43.99 12.55 8.89
C PRO A 297 -42.67 12.64 8.08
N MET A 298 -41.56 13.00 8.73
CA MET A 298 -40.24 13.14 8.08
C MET A 298 -39.83 11.84 7.37
N SER A 299 -40.13 10.66 7.92
CA SER A 299 -39.91 9.35 7.25
C SER A 299 -40.53 9.41 5.85
N LEU A 300 -41.81 9.79 5.75
CA LEU A 300 -42.51 9.82 4.44
C LEU A 300 -41.89 10.91 3.57
N GLY A 301 -41.45 12.01 4.18
CA GLY A 301 -40.78 13.12 3.48
C GLY A 301 -39.65 12.58 2.63
N PHE A 302 -38.76 11.83 3.27
CA PHE A 302 -37.55 11.24 2.66
C PHE A 302 -37.96 10.26 1.58
N THR A 303 -38.87 9.33 1.90
CA THR A 303 -39.40 8.32 0.95
C THR A 303 -39.85 9.00 -0.36
N TYR A 304 -40.56 10.12 -0.25
CA TYR A 304 -41.01 10.96 -1.39
C TYR A 304 -39.88 11.82 -1.98
N SER A 305 -38.75 11.95 -1.30
CA SER A 305 -37.65 12.83 -1.76
C SER A 305 -38.15 14.28 -1.71
N SER A 306 -38.55 14.75 -0.54
CA SER A 306 -39.00 16.16 -0.36
C SER A 306 -37.75 17.03 -0.21
N ASN A 307 -37.58 18.04 -1.04
CA ASN A 307 -36.50 19.03 -0.84
C ASN A 307 -36.80 19.87 0.41
N THR A 308 -38.06 19.98 0.82
CA THR A 308 -38.41 20.92 1.93
C THR A 308 -37.93 20.26 3.22
N LEU A 309 -38.10 18.94 3.33
CA LEU A 309 -37.53 18.18 4.47
C LEU A 309 -36.05 18.54 4.62
N MET A 310 -35.26 18.52 3.53
CA MET A 310 -33.79 18.64 3.63
C MET A 310 -33.45 20.08 3.99
N MET A 311 -34.13 21.04 3.37
CA MET A 311 -33.91 22.46 3.69
C MET A 311 -34.33 22.71 5.15
N HIS A 312 -35.39 22.04 5.60
CA HIS A 312 -35.84 22.10 7.01
C HIS A 312 -34.74 21.60 7.92
N LEU A 313 -34.28 20.35 7.73
CA LEU A 313 -33.24 19.71 8.58
C LEU A 313 -31.98 20.59 8.59
N GLN A 314 -31.64 21.25 7.48
CA GLN A 314 -30.46 22.14 7.41
C GLN A 314 -30.64 23.31 8.38
N ASP A 315 -31.85 23.87 8.47
CA ASP A 315 -32.19 25.00 9.39
C ASP A 315 -32.04 24.54 10.85
N LEU A 316 -32.62 23.37 11.19
CA LEU A 316 -32.53 22.74 12.53
C LEU A 316 -31.09 22.48 12.96
N VAL A 317 -30.20 22.11 12.05
CA VAL A 317 -28.81 21.66 12.38
C VAL A 317 -27.86 22.85 12.34
N GLY A 318 -27.96 23.67 11.30
CA GLY A 318 -27.13 24.88 11.14
C GLY A 318 -26.28 24.80 9.89
N ALA A 319 -26.20 25.88 9.12
CA ALA A 319 -25.34 26.04 7.94
C ALA A 319 -23.87 25.71 8.28
N ASP A 320 -23.29 26.32 9.31
CA ASP A 320 -21.87 26.05 9.67
C ASP A 320 -21.71 24.58 10.05
N LYS A 321 -22.68 23.99 10.75
CA LYS A 321 -22.52 22.60 11.21
C LYS A 321 -22.64 21.64 10.03
N MET A 322 -23.34 22.03 8.97
CA MET A 322 -23.64 21.13 7.83
C MET A 322 -22.47 21.16 6.85
N LYS A 323 -21.88 22.31 6.58
CA LYS A 323 -20.64 22.35 5.77
C LYS A 323 -19.67 21.36 6.40
N SER A 324 -19.51 21.40 7.71
CA SER A 324 -18.59 20.50 8.46
C SER A 324 -18.99 19.05 8.24
N TRP A 325 -20.26 18.73 8.33
CA TRP A 325 -20.78 17.34 8.18
C TRP A 325 -20.50 16.80 6.77
N TYR A 326 -20.55 17.65 5.76
CA TYR A 326 -20.29 17.26 4.36
C TYR A 326 -18.78 16.94 4.26
N GLU A 327 -17.93 17.85 4.72
CA GLU A 327 -16.45 17.67 4.88
C GLU A 327 -16.13 16.36 5.61
N ARG A 328 -16.88 15.98 6.63
CA ARG A 328 -16.61 14.78 7.45
C ARG A 328 -17.01 13.51 6.69
N PHE A 329 -17.85 13.65 5.66
CA PHE A 329 -18.27 12.55 4.75
C PHE A 329 -17.34 12.49 3.53
N GLY A 330 -16.38 13.38 3.46
CA GLY A 330 -15.25 13.25 2.52
C GLY A 330 -15.38 14.16 1.33
N PHE A 331 -16.36 15.04 1.31
CA PHE A 331 -16.67 15.84 0.09
C PHE A 331 -15.75 17.05 0.00
N GLY A 332 -15.58 17.56 -1.21
CA GLY A 332 -14.75 18.74 -1.48
C GLY A 332 -13.27 18.46 -1.35
N LYS A 333 -12.87 17.21 -1.09
CA LYS A 333 -11.44 16.82 -1.07
C LYS A 333 -11.28 15.36 -1.57
N SER A 334 -10.23 15.15 -2.37
CA SER A 334 -9.91 13.91 -3.10
C SER A 334 -9.89 12.71 -2.16
N THR A 335 -10.33 11.53 -2.62
CA THR A 335 -10.30 10.27 -1.84
C THR A 335 -8.87 9.77 -1.70
N LYS A 336 -7.93 10.39 -2.43
CA LYS A 336 -6.48 10.04 -2.50
C LYS A 336 -6.30 8.60 -3.02
N GLY A 337 -7.01 8.22 -4.07
CA GLY A 337 -6.90 6.87 -4.68
C GLY A 337 -5.75 6.84 -5.67
N MET A 338 -5.61 5.71 -6.39
CA MET A 338 -4.44 5.42 -7.24
C MET A 338 -4.56 6.11 -8.61
N PHE A 339 -5.69 6.70 -8.97
CA PHE A 339 -5.91 7.26 -10.32
C PHE A 339 -5.21 8.61 -10.46
N ASP A 340 -4.76 8.96 -11.65
CA ASP A 340 -4.14 10.27 -11.94
C ASP A 340 -5.24 11.33 -11.96
N GLY A 341 -4.88 12.59 -11.73
CA GLY A 341 -5.72 13.79 -11.80
C GLY A 341 -7.10 13.63 -11.15
N GLU A 342 -7.16 13.02 -9.96
CA GLU A 342 -8.44 12.82 -9.23
C GLU A 342 -9.03 14.18 -8.89
N ALA A 343 -10.33 14.35 -9.11
CA ALA A 343 -11.04 15.62 -8.85
C ALA A 343 -11.48 15.64 -7.39
N PRO A 344 -11.28 16.80 -6.72
CA PRO A 344 -11.78 17.02 -5.37
C PRO A 344 -13.27 17.37 -5.35
N GLY A 345 -13.77 18.04 -6.41
CA GLY A 345 -15.09 18.69 -6.41
C GLY A 345 -15.12 19.83 -5.41
N GLN A 346 -16.30 20.38 -5.13
CA GLN A 346 -16.41 21.53 -4.21
C GLN A 346 -17.78 21.50 -3.53
N ILE A 347 -17.82 21.84 -2.24
CA ILE A 347 -19.07 22.09 -1.46
C ILE A 347 -19.51 23.53 -1.73
N GLY A 348 -20.64 23.75 -2.44
CA GLY A 348 -21.23 25.08 -2.69
C GLY A 348 -21.91 25.63 -1.44
N TRP A 349 -21.37 26.71 -0.87
CA TRP A 349 -21.75 27.19 0.48
C TRP A 349 -21.47 28.68 0.63
N SER A 350 -21.53 29.46 -0.46
CA SER A 350 -21.16 30.90 -0.49
C SER A 350 -22.35 31.75 -0.07
N ASN A 351 -23.58 31.33 -0.39
CA ASN A 351 -24.83 32.04 -0.03
C ASN A 351 -25.89 30.99 0.27
N GLU A 352 -26.96 31.37 0.97
CA GLU A 352 -27.99 30.45 1.48
C GLU A 352 -28.69 29.73 0.32
N LEU A 353 -28.64 30.29 -0.88
CA LEU A 353 -29.28 29.65 -2.04
C LEU A 353 -28.45 28.40 -2.43
N GLN A 354 -27.13 28.54 -2.44
CA GLN A 354 -26.17 27.43 -2.69
C GLN A 354 -26.31 26.39 -1.58
N GLN A 355 -26.29 26.81 -0.32
CA GLN A 355 -26.36 25.88 0.84
C GLN A 355 -27.67 25.09 0.77
N LYS A 356 -28.78 25.75 0.48
CA LYS A 356 -30.09 25.08 0.59
C LYS A 356 -30.24 24.12 -0.60
N THR A 357 -29.72 24.47 -1.75
CA THR A 357 -29.74 23.60 -2.95
C THR A 357 -28.75 22.43 -2.76
N SER A 358 -27.59 22.68 -2.15
CA SER A 358 -26.62 21.62 -1.74
C SER A 358 -27.35 20.54 -0.92
N SER A 359 -28.40 20.86 -0.18
CA SER A 359 -29.06 19.87 0.71
C SER A 359 -29.65 18.73 -0.12
N PHE A 360 -29.97 18.98 -1.40
CA PHE A 360 -30.57 17.96 -2.30
C PHE A 360 -29.68 17.78 -3.55
N GLY A 361 -28.43 18.21 -3.46
CA GLY A 361 -27.35 17.75 -4.36
C GLY A 361 -27.29 18.56 -5.61
N GLN A 362 -27.51 19.87 -5.51
CA GLN A 362 -27.17 20.83 -6.59
C GLN A 362 -26.13 21.79 -6.02
N SER A 363 -25.48 22.57 -6.87
CA SER A 363 -24.38 23.50 -6.46
C SER A 363 -23.12 22.70 -6.10
N THR A 364 -23.10 21.96 -4.98
CA THR A 364 -21.95 21.07 -4.66
C THR A 364 -21.72 20.11 -5.84
N THR A 365 -20.44 19.88 -6.18
CA THR A 365 -19.98 18.87 -7.17
C THR A 365 -19.26 17.70 -6.47
N VAL A 366 -19.62 16.49 -6.84
CA VAL A 366 -18.97 15.27 -6.31
C VAL A 366 -18.33 14.50 -7.47
N THR A 367 -17.38 13.62 -7.13
CA THR A 367 -16.95 12.47 -7.95
C THR A 367 -17.76 11.26 -7.54
N PRO A 368 -18.10 10.35 -8.47
CA PRO A 368 -18.78 9.13 -8.08
C PRO A 368 -18.02 8.34 -6.99
N VAL A 369 -16.69 8.49 -6.90
CA VAL A 369 -15.88 7.70 -5.92
C VAL A 369 -16.09 8.29 -4.52
N GLN A 370 -16.13 9.62 -4.41
CA GLN A 370 -16.56 10.36 -3.19
C GLN A 370 -17.90 9.82 -2.67
N MET A 371 -18.85 9.59 -3.57
CA MET A 371 -20.22 9.11 -3.21
C MET A 371 -20.13 7.70 -2.66
N LEU A 372 -19.32 6.82 -3.26
CA LEU A 372 -19.14 5.42 -2.79
C LEU A 372 -18.44 5.44 -1.43
N GLN A 373 -17.39 6.24 -1.29
CA GLN A 373 -16.69 6.41 0.01
C GLN A 373 -17.71 6.77 1.09
N ALA A 374 -18.52 7.82 0.85
CA ALA A 374 -19.56 8.33 1.76
C ALA A 374 -20.57 7.23 2.07
N GLN A 375 -21.15 6.65 1.03
CA GLN A 375 -22.27 5.68 1.16
C GLN A 375 -21.80 4.46 1.96
N SER A 376 -20.51 4.12 1.94
CA SER A 376 -19.99 2.88 2.59
C SER A 376 -20.27 2.93 4.10
N ALA A 377 -20.30 4.12 4.70
CA ALA A 377 -20.46 4.33 6.15
C ALA A 377 -21.74 3.67 6.67
N PHE A 378 -22.77 3.58 5.85
CA PHE A 378 -24.08 3.05 6.31
C PHE A 378 -23.97 1.55 6.55
N PHE A 379 -22.96 0.88 6.02
CA PHE A 379 -22.86 -0.60 6.07
C PHE A 379 -21.62 -1.07 6.84
N ASN A 380 -20.73 -0.16 7.25
CA ASN A 380 -19.51 -0.47 8.05
C ASN A 380 -19.58 0.27 9.39
N ASP A 381 -20.73 0.14 10.08
CA ASP A 381 -21.01 0.68 11.44
C ASP A 381 -20.47 2.12 11.54
N GLY A 382 -20.55 2.91 10.48
CA GLY A 382 -20.20 4.33 10.50
C GLY A 382 -18.85 4.61 9.88
N ASN A 383 -18.06 3.57 9.62
CA ASN A 383 -16.70 3.73 9.02
C ASN A 383 -16.83 3.85 7.50
N MET A 384 -16.36 4.97 6.96
CA MET A 384 -16.17 5.15 5.50
C MET A 384 -14.97 4.30 5.04
N LEU A 385 -15.14 3.49 3.98
CA LEU A 385 -14.05 2.72 3.32
C LEU A 385 -13.44 3.53 2.19
N LYS A 386 -12.13 3.73 2.18
CA LYS A 386 -11.43 4.29 1.00
C LYS A 386 -11.54 3.30 -0.14
N PRO A 387 -12.17 3.67 -1.27
CA PRO A 387 -12.40 2.72 -2.35
C PRO A 387 -11.10 2.56 -3.15
N TRP A 388 -10.85 1.34 -3.63
CA TRP A 388 -9.57 0.92 -4.30
C TRP A 388 -9.85 -0.12 -5.40
N PHE A 389 -9.02 -0.09 -6.45
CA PHE A 389 -9.15 -0.97 -7.65
C PHE A 389 -7.83 -1.72 -7.94
N VAL A 390 -6.67 -1.09 -7.76
CA VAL A 390 -5.33 -1.74 -7.78
C VAL A 390 -5.10 -2.65 -6.56
N ASN A 391 -4.86 -3.94 -6.82
CA ASN A 391 -4.72 -5.01 -5.80
C ASN A 391 -3.23 -5.29 -5.56
N SER A 392 -2.37 -5.14 -6.57
CA SER A 392 -0.90 -5.15 -6.39
C SER A 392 -0.16 -4.80 -7.68
N VAL A 393 1.11 -4.54 -7.52
CA VAL A 393 2.10 -4.37 -8.59
C VAL A 393 3.28 -5.25 -8.20
N GLU A 394 3.42 -6.41 -8.85
CA GLU A 394 4.49 -7.39 -8.57
C GLU A 394 5.24 -7.71 -9.86
N ASN A 395 6.55 -7.96 -9.74
CA ASN A 395 7.36 -8.69 -10.75
C ASN A 395 6.95 -10.15 -10.82
N PRO A 396 6.71 -10.73 -12.02
CA PRO A 396 6.17 -12.09 -12.10
C PRO A 396 7.26 -13.17 -11.94
N VAL A 397 8.52 -12.79 -12.16
CA VAL A 397 9.75 -13.63 -11.92
C VAL A 397 10.07 -13.68 -10.42
N SER A 398 10.49 -12.53 -9.84
CA SER A 398 10.91 -12.39 -8.41
C SER A 398 9.73 -12.61 -7.47
N LYS A 399 8.51 -12.28 -7.88
CA LYS A 399 7.26 -12.41 -7.07
C LYS A 399 7.23 -11.31 -5.99
N ARG A 400 8.12 -10.33 -6.11
CA ARG A 400 8.18 -9.14 -5.24
C ARG A 400 7.00 -8.22 -5.55
N GLN A 401 6.17 -7.94 -4.54
CA GLN A 401 5.11 -6.90 -4.54
C GLN A 401 5.73 -5.53 -4.26
N PHE A 402 5.89 -4.70 -5.28
CA PHE A 402 6.32 -3.29 -5.12
C PHE A 402 5.24 -2.44 -4.45
N TYR A 403 3.96 -2.84 -4.58
CA TYR A 403 2.74 -2.16 -4.06
C TYR A 403 1.68 -3.21 -3.74
N LYS A 404 0.99 -3.06 -2.61
CA LYS A 404 -0.16 -3.94 -2.29
C LYS A 404 -1.27 -3.11 -1.62
N GLY A 405 -2.46 -3.11 -2.21
CA GLY A 405 -3.63 -2.39 -1.69
C GLY A 405 -4.34 -3.22 -0.65
N GLN A 406 -5.20 -2.59 0.15
CA GLN A 406 -6.01 -3.21 1.23
C GLN A 406 -7.16 -2.28 1.65
N LYS A 407 -8.14 -2.85 2.34
CA LYS A 407 -9.22 -2.10 3.03
C LYS A 407 -8.57 -1.11 4.01
N GLN A 408 -8.91 0.17 3.85
CA GLN A 408 -8.56 1.29 4.76
C GLN A 408 -9.82 2.09 5.13
N ILE A 409 -9.84 2.65 6.33
CA ILE A 409 -10.91 3.55 6.85
C ILE A 409 -10.56 4.98 6.45
N ALA A 410 -11.50 5.71 5.81
CA ALA A 410 -11.29 7.09 5.29
C ALA A 410 -11.81 8.11 6.30
N GLY A 411 -12.66 7.64 7.22
CA GLY A 411 -13.31 8.44 8.26
C GLY A 411 -14.36 7.61 8.97
N LYS A 412 -14.73 8.04 10.17
CA LYS A 412 -15.90 7.48 10.89
C LYS A 412 -16.80 8.66 11.23
N PRO A 413 -17.55 9.21 10.26
CA PRO A 413 -18.29 10.44 10.51
C PRO A 413 -19.61 10.20 11.28
N ILE A 414 -20.06 8.96 11.39
CA ILE A 414 -21.33 8.66 12.13
C ILE A 414 -21.16 7.41 12.97
N THR A 415 -22.09 7.22 13.88
CA THR A 415 -22.11 6.12 14.86
C THR A 415 -22.84 4.96 14.21
N LYS A 416 -22.65 3.76 14.76
CA LYS A 416 -23.34 2.52 14.34
C LYS A 416 -24.84 2.80 14.30
N ASP A 417 -25.38 3.48 15.33
CA ASP A 417 -26.83 3.77 15.51
C ASP A 417 -27.33 4.65 14.36
N THR A 418 -26.67 5.79 14.15
CA THR A 418 -27.00 6.72 13.05
C THR A 418 -27.12 5.89 11.77
N ALA A 419 -26.08 5.11 11.47
CA ALA A 419 -25.97 4.24 10.28
C ALA A 419 -27.16 3.27 10.19
N GLU A 420 -27.53 2.58 11.26
CA GLU A 420 -28.66 1.60 11.24
C GLU A 420 -29.96 2.32 10.86
N LYS A 421 -30.09 3.61 11.22
CA LYS A 421 -31.32 4.41 11.05
C LYS A 421 -31.37 5.00 9.64
N VAL A 422 -30.23 5.48 9.12
CA VAL A 422 -30.11 5.87 7.68
C VAL A 422 -30.52 4.65 6.85
N GLU A 423 -30.12 3.45 7.25
CA GLU A 423 -30.43 2.22 6.47
C GLU A 423 -31.95 2.04 6.39
N LYS A 424 -32.68 2.23 7.50
CA LYS A 424 -34.15 1.99 7.54
C LYS A 424 -34.83 2.92 6.54
N GLN A 425 -34.33 4.15 6.40
CA GLN A 425 -34.88 5.14 5.45
C GLN A 425 -34.64 4.68 4.02
N LEU A 426 -33.42 4.23 3.71
CA LEU A 426 -33.05 3.72 2.37
C LEU A 426 -33.91 2.49 2.06
N ASP A 427 -34.24 1.66 3.06
CA ASP A 427 -35.11 0.47 2.84
C ASP A 427 -36.46 0.99 2.34
N LEU A 428 -37.04 1.97 3.03
CA LEU A 428 -38.38 2.53 2.71
C LEU A 428 -38.35 3.21 1.35
N VAL A 429 -37.30 3.94 0.99
CA VAL A 429 -37.30 4.67 -0.32
C VAL A 429 -37.75 3.74 -1.44
N VAL A 430 -37.38 2.47 -1.36
CA VAL A 430 -37.65 1.43 -2.42
C VAL A 430 -38.88 0.60 -2.03
N ASN A 431 -39.03 0.23 -0.77
CA ASN A 431 -39.95 -0.84 -0.31
C ASN A 431 -41.14 -0.30 0.49
N SER A 432 -41.14 0.97 0.91
CA SER A 432 -42.34 1.68 1.43
C SER A 432 -43.53 1.42 0.49
N LYS A 433 -44.72 1.24 1.07
CA LYS A 433 -45.99 1.08 0.33
C LYS A 433 -46.29 2.36 -0.46
N LYS A 434 -45.73 3.50 -0.05
CA LYS A 434 -45.90 4.80 -0.75
C LYS A 434 -44.62 5.15 -1.52
N SER A 435 -43.82 4.17 -1.90
CA SER A 435 -42.52 4.36 -2.62
C SER A 435 -42.78 4.91 -4.01
N HIS A 436 -41.94 5.83 -4.50
CA HIS A 436 -41.99 6.35 -5.89
C HIS A 436 -40.80 5.77 -6.68
N ALA A 437 -40.34 4.59 -6.27
CA ALA A 437 -39.05 4.02 -6.70
C ALA A 437 -39.09 2.49 -6.72
N ALA A 438 -40.28 1.90 -6.93
CA ALA A 438 -40.49 0.44 -6.98
C ALA A 438 -39.91 -0.12 -8.28
N ASN A 439 -39.56 0.76 -9.23
CA ASN A 439 -39.00 0.34 -10.55
C ASN A 439 -37.60 -0.24 -10.33
N TYR A 440 -37.00 -0.02 -9.15
CA TYR A 440 -35.66 -0.54 -8.74
C TYR A 440 -35.77 -1.85 -7.96
N ARG A 441 -36.99 -2.38 -7.75
CA ARG A 441 -37.11 -3.66 -7.02
C ARG A 441 -36.58 -4.76 -7.94
N ILE A 442 -36.09 -5.84 -7.35
CA ILE A 442 -35.56 -7.02 -8.08
C ILE A 442 -36.26 -8.24 -7.49
N ASP A 443 -37.00 -8.97 -8.33
CA ASP A 443 -37.72 -10.20 -7.90
C ASP A 443 -36.72 -11.12 -7.18
N GLY A 444 -36.98 -11.41 -5.91
CA GLY A 444 -36.31 -12.50 -5.17
C GLY A 444 -35.12 -12.05 -4.35
N TYR A 445 -34.67 -10.80 -4.50
CA TYR A 445 -33.61 -10.16 -3.67
C TYR A 445 -34.16 -8.88 -3.05
N GLU A 446 -33.93 -8.64 -1.76
CA GLU A 446 -34.37 -7.36 -1.13
C GLU A 446 -33.31 -6.29 -1.44
N VAL A 447 -33.73 -5.17 -2.03
CA VAL A 447 -32.87 -4.04 -2.46
C VAL A 447 -33.21 -2.80 -1.63
N GLU A 448 -32.24 -1.94 -1.42
CA GLU A 448 -32.48 -0.62 -0.78
C GLU A 448 -31.60 0.40 -1.51
N GLY A 449 -31.84 1.67 -1.32
CA GLY A 449 -31.08 2.73 -2.02
C GLY A 449 -31.79 4.07 -2.00
N LYS A 450 -31.29 5.00 -2.81
CA LYS A 450 -31.83 6.37 -2.92
C LYS A 450 -31.67 6.83 -4.37
N THR A 451 -32.74 7.35 -4.97
CA THR A 451 -32.83 7.83 -6.36
C THR A 451 -32.35 9.27 -6.44
N GLY A 452 -32.08 9.75 -7.64
CA GLY A 452 -31.64 11.14 -7.85
C GLY A 452 -32.00 11.59 -9.25
N THR A 453 -32.61 12.78 -9.36
CA THR A 453 -32.84 13.47 -10.66
C THR A 453 -32.36 14.90 -10.47
N ALA A 454 -31.44 15.38 -11.30
CA ALA A 454 -30.64 16.60 -11.04
C ALA A 454 -30.42 17.39 -12.31
N GLN A 455 -30.34 18.70 -12.19
CA GLN A 455 -30.09 19.58 -13.34
C GLN A 455 -28.59 19.51 -13.59
N VAL A 456 -28.21 19.56 -14.86
CA VAL A 456 -26.83 19.43 -15.35
C VAL A 456 -26.32 20.80 -15.72
N ALA A 457 -25.20 21.26 -15.16
CA ALA A 457 -24.61 22.57 -15.53
C ALA A 457 -24.21 22.54 -17.01
N ALA A 458 -24.47 23.63 -17.71
CA ALA A 458 -24.10 23.83 -19.13
C ALA A 458 -22.58 23.89 -19.18
N PRO A 459 -21.93 23.14 -20.09
CA PRO A 459 -20.47 23.14 -20.19
C PRO A 459 -19.91 24.57 -20.14
N ASN A 460 -20.46 25.47 -20.95
CA ASN A 460 -19.90 26.83 -21.08
C ASN A 460 -20.75 27.81 -20.25
N GLY A 461 -20.49 27.88 -18.93
CA GLY A 461 -21.16 28.78 -17.97
C GLY A 461 -22.66 28.60 -17.97
N GLY A 462 -23.40 29.50 -18.65
CA GLY A 462 -24.83 29.38 -19.02
C GLY A 462 -25.64 28.51 -18.08
N GLY A 463 -25.56 28.77 -16.76
CA GLY A 463 -26.35 28.07 -15.73
C GLY A 463 -26.58 26.62 -16.11
N TYR A 464 -27.83 26.19 -16.28
CA TYR A 464 -28.21 24.75 -16.47
C TYR A 464 -28.61 24.45 -17.92
N VAL A 465 -28.29 23.23 -18.35
CA VAL A 465 -28.71 22.67 -19.67
C VAL A 465 -30.24 22.71 -19.72
N LYS A 466 -30.78 23.21 -20.84
CA LYS A 466 -32.23 23.33 -21.13
C LYS A 466 -32.64 22.18 -22.06
N GLY A 467 -33.94 21.86 -22.08
CA GLY A 467 -34.48 20.75 -22.90
C GLY A 467 -35.70 20.13 -22.24
N PRO A 468 -36.24 19.02 -22.80
CA PRO A 468 -37.49 18.42 -22.33
C PRO A 468 -37.38 17.88 -20.89
N ASN A 469 -36.36 17.03 -20.64
CA ASN A 469 -36.00 16.52 -19.29
C ASN A 469 -34.49 16.46 -19.16
N PRO A 470 -33.81 17.62 -19.00
CA PRO A 470 -32.35 17.72 -19.14
C PRO A 470 -31.63 17.37 -17.82
N TYR A 471 -31.77 16.10 -17.42
CA TYR A 471 -31.42 15.62 -16.06
C TYR A 471 -30.26 14.61 -16.11
N PHE A 472 -29.58 14.54 -14.97
CA PHE A 472 -28.65 13.48 -14.55
C PHE A 472 -29.41 12.56 -13.61
N VAL A 473 -30.03 11.51 -14.14
CA VAL A 473 -30.73 10.49 -13.30
C VAL A 473 -29.69 9.49 -12.77
N SER A 474 -29.87 9.00 -11.55
CA SER A 474 -28.88 8.22 -10.79
C SER A 474 -29.58 7.41 -9.71
N PHE A 475 -28.91 6.39 -9.21
CA PHE A 475 -29.37 5.51 -8.14
C PHE A 475 -28.14 4.94 -7.43
N MET A 476 -28.18 4.94 -6.11
CA MET A 476 -27.10 4.53 -5.20
C MET A 476 -27.71 3.41 -4.37
N GLY A 477 -27.73 2.22 -4.93
CA GLY A 477 -28.39 1.04 -4.36
C GLY A 477 -27.40 0.08 -3.71
N ASP A 478 -27.92 -0.99 -3.13
CA ASP A 478 -27.12 -1.97 -2.35
C ASP A 478 -28.06 -3.13 -1.98
N ALA A 479 -27.51 -4.35 -1.97
CA ALA A 479 -28.27 -5.59 -1.75
C ALA A 479 -27.30 -6.67 -1.27
N PRO A 480 -27.78 -7.67 -0.49
CA PRO A 480 -29.11 -7.64 0.10
C PRO A 480 -29.16 -6.55 1.18
N LYS A 481 -30.35 -6.07 1.53
CA LYS A 481 -30.50 -4.84 2.34
C LYS A 481 -30.10 -5.10 3.80
N LYS A 482 -29.47 -4.08 4.41
CA LYS A 482 -28.97 -4.01 5.82
C LYS A 482 -27.55 -4.59 5.87
N ASN A 483 -27.38 -5.83 5.40
CA ASN A 483 -26.09 -6.57 5.32
C ASN A 483 -25.79 -6.84 3.87
N PRO A 484 -25.47 -5.80 3.08
CA PRO A 484 -25.28 -5.96 1.64
C PRO A 484 -23.89 -6.51 1.31
N LYS A 485 -23.81 -7.29 0.22
CA LYS A 485 -22.56 -7.79 -0.40
C LYS A 485 -21.97 -6.66 -1.24
N VAL A 486 -22.79 -5.99 -2.06
CA VAL A 486 -22.32 -4.96 -3.02
C VAL A 486 -23.16 -3.68 -2.92
N ILE A 487 -22.55 -2.58 -3.37
CA ILE A 487 -23.19 -1.26 -3.65
C ILE A 487 -23.07 -1.05 -5.16
N VAL A 488 -24.18 -0.81 -5.86
CA VAL A 488 -24.18 -0.44 -7.30
C VAL A 488 -24.59 1.02 -7.40
N TYR A 489 -23.78 1.86 -8.03
CA TYR A 489 -24.06 3.30 -8.24
C TYR A 489 -23.98 3.56 -9.74
N ALA A 490 -25.13 3.70 -10.41
CA ALA A 490 -25.21 4.04 -11.84
C ALA A 490 -25.71 5.47 -11.98
N GLY A 491 -25.32 6.16 -13.04
CA GLY A 491 -25.77 7.53 -13.35
C GLY A 491 -25.78 7.78 -14.86
N MET A 492 -26.86 8.36 -15.37
CA MET A 492 -27.06 8.73 -16.79
C MET A 492 -27.31 10.23 -16.88
N SER A 493 -26.67 10.91 -17.81
CA SER A 493 -26.70 12.39 -17.91
C SER A 493 -27.18 12.76 -19.31
N LEU A 494 -28.31 13.47 -19.38
CA LEU A 494 -28.90 14.08 -20.61
C LEU A 494 -29.20 12.98 -21.64
N ALA A 495 -30.16 12.09 -21.36
CA ALA A 495 -30.68 11.12 -22.37
C ALA A 495 -31.19 11.90 -23.60
N GLN A 496 -30.68 11.64 -24.81
CA GLN A 496 -31.12 12.28 -26.09
C GLN A 496 -32.24 11.48 -26.78
N LYS A 497 -32.65 10.36 -26.20
CA LYS A 497 -33.76 9.52 -26.70
C LYS A 497 -34.45 8.92 -25.48
N ASN A 498 -35.73 8.59 -25.60
CA ASN A 498 -36.65 8.20 -24.50
C ASN A 498 -36.41 9.07 -23.26
N ASP A 499 -36.25 10.39 -23.42
CA ASP A 499 -35.80 11.28 -22.30
C ASP A 499 -36.89 11.35 -21.22
N GLN A 500 -38.14 11.07 -21.59
CA GLN A 500 -39.28 11.03 -20.63
C GLN A 500 -39.13 9.77 -19.77
N GLU A 501 -38.92 8.62 -20.40
CA GLU A 501 -38.69 7.33 -19.71
C GLU A 501 -37.46 7.43 -18.80
N ALA A 502 -36.45 8.22 -19.18
CA ALA A 502 -35.23 8.50 -18.39
C ALA A 502 -35.64 9.11 -17.05
N TYR A 503 -36.32 10.26 -17.08
CA TYR A 503 -36.89 10.95 -15.89
C TYR A 503 -37.71 9.95 -15.05
N GLU A 504 -38.55 9.12 -15.66
CA GLU A 504 -39.52 8.29 -14.90
C GLU A 504 -38.82 7.06 -14.32
N LEU A 505 -37.89 6.45 -15.05
CA LEU A 505 -37.31 5.13 -14.67
C LEU A 505 -35.88 5.28 -14.16
N GLY A 506 -35.28 6.45 -14.36
CA GLY A 506 -33.87 6.73 -14.04
C GLY A 506 -32.97 5.68 -14.64
N VAL A 507 -32.21 5.00 -13.79
CA VAL A 507 -31.20 4.00 -14.24
C VAL A 507 -31.66 2.62 -13.78
N SER A 508 -32.97 2.38 -13.64
CA SER A 508 -33.50 1.08 -13.16
C SER A 508 -33.18 -0.04 -14.17
N LYS A 509 -33.09 0.31 -15.45
CA LYS A 509 -32.90 -0.66 -16.55
C LYS A 509 -31.43 -1.13 -16.59
N ALA A 510 -30.51 -0.42 -15.95
CA ALA A 510 -29.08 -0.80 -15.75
C ALA A 510 -28.88 -1.40 -14.34
N PHE A 511 -29.43 -0.77 -13.31
CA PHE A 511 -29.30 -1.22 -11.91
C PHE A 511 -29.82 -2.66 -11.75
N LYS A 512 -31.02 -2.96 -12.25
CA LYS A 512 -31.70 -4.25 -12.01
C LYS A 512 -30.84 -5.40 -12.54
N PRO A 513 -30.47 -5.44 -13.85
CA PRO A 513 -29.61 -6.51 -14.37
C PRO A 513 -28.24 -6.58 -13.69
N ILE A 514 -27.53 -5.45 -13.61
CA ILE A 514 -26.20 -5.42 -12.94
C ILE A 514 -26.31 -6.07 -11.56
N MET A 515 -27.30 -5.69 -10.76
CA MET A 515 -27.42 -6.14 -9.35
C MET A 515 -27.86 -7.60 -9.33
N GLU A 516 -28.81 -7.98 -10.19
CA GLU A 516 -29.44 -9.32 -10.15
C GLU A 516 -28.40 -10.38 -10.57
N ASN A 517 -27.56 -10.07 -11.55
CA ASN A 517 -26.54 -11.00 -12.10
C ASN A 517 -25.35 -11.07 -11.13
N THR A 518 -24.98 -9.95 -10.51
CA THR A 518 -23.87 -9.84 -9.54
C THR A 518 -24.22 -10.63 -8.28
N LEU A 519 -25.48 -10.63 -7.87
CA LEU A 519 -25.89 -11.38 -6.66
C LEU A 519 -25.88 -12.88 -6.97
N LYS A 520 -26.41 -13.32 -8.13
CA LYS A 520 -26.38 -14.75 -8.58
C LYS A 520 -24.94 -15.27 -8.58
N TYR A 521 -24.02 -14.48 -9.16
CA TYR A 521 -22.59 -14.80 -9.35
C TYR A 521 -21.82 -14.86 -8.02
N LEU A 522 -22.32 -14.22 -6.96
CA LEU A 522 -21.72 -14.28 -5.61
C LEU A 522 -22.52 -15.25 -4.74
N ASN A 523 -23.41 -16.02 -5.37
CA ASN A 523 -24.21 -17.10 -4.73
C ASN A 523 -24.91 -16.54 -3.49
N VAL A 524 -25.68 -15.48 -3.67
CA VAL A 524 -26.57 -14.92 -2.60
C VAL A 524 -27.95 -15.58 -2.75
N GLY A 525 -28.45 -16.13 -1.62
CA GLY A 525 -29.70 -16.91 -1.50
C GLY A 525 -30.91 -16.13 -1.94
N LYS A 526 -31.72 -16.73 -2.83
CA LYS A 526 -33.01 -16.21 -3.37
C LYS A 526 -32.73 -15.58 -4.73
N MET B 1 -1.93 19.78 19.76
CA MET B 1 -1.47 18.64 20.61
C MET B 1 -0.84 17.58 19.70
N ARG B 2 0.51 17.51 19.68
CA ARG B 2 1.31 16.46 18.99
C ARG B 2 0.72 15.07 19.28
N GLY B 3 0.76 14.20 18.27
CA GLY B 3 0.08 12.91 18.30
C GLY B 3 0.78 11.96 19.26
N LYS B 4 0.08 10.92 19.66
CA LYS B 4 0.66 9.83 20.46
C LYS B 4 1.44 8.87 19.55
N ILE B 5 2.24 8.01 20.15
CA ILE B 5 2.93 6.85 19.52
C ILE B 5 2.55 5.67 20.40
N TYR B 6 1.89 4.68 19.82
CA TYR B 6 1.33 3.52 20.55
C TYR B 6 2.05 2.24 20.13
N ASP B 7 1.90 1.22 20.95
CA ASP B 7 2.44 -0.12 20.70
C ASP B 7 1.32 -0.94 20.05
N ARG B 8 1.59 -2.21 19.78
CA ARG B 8 0.66 -3.11 19.06
C ARG B 8 -0.63 -3.23 19.87
N ASN B 9 -0.66 -2.92 21.18
CA ASN B 9 -1.85 -3.14 22.05
C ASN B 9 -2.43 -1.83 22.59
N GLY B 10 -2.23 -0.70 21.92
CA GLY B 10 -2.79 0.59 22.34
C GLY B 10 -2.17 1.14 23.62
N LYS B 11 -1.12 0.51 24.16
CA LYS B 11 -0.27 1.07 25.25
C LYS B 11 0.57 2.23 24.68
N VAL B 12 0.87 3.23 25.48
CA VAL B 12 1.44 4.54 25.01
C VAL B 12 2.95 4.48 25.13
N LEU B 13 3.66 4.84 24.06
CA LEU B 13 5.15 4.90 24.05
C LEU B 13 5.58 6.36 24.05
N ALA B 14 4.78 7.26 23.50
CA ALA B 14 5.04 8.73 23.60
C ALA B 14 3.71 9.48 23.59
N GLU B 15 3.67 10.65 24.24
CA GLU B 15 2.44 11.49 24.40
C GLU B 15 2.83 12.85 24.95
N ASP B 16 2.02 13.87 24.64
CA ASP B 16 2.11 15.22 25.25
C ASP B 16 1.55 15.19 26.67
N VAL B 17 2.10 16.04 27.54
CA VAL B 17 1.60 16.28 28.94
C VAL B 17 1.79 17.75 29.29
N GLU B 18 0.99 18.26 30.24
CA GLU B 18 1.04 19.66 30.73
C GLU B 18 1.96 19.72 31.95
N ARG B 19 3.07 20.43 31.83
CA ARG B 19 3.99 20.79 32.94
C ARG B 19 3.96 22.33 33.02
N TYR B 20 4.71 22.97 33.90
CA TYR B 20 4.54 24.40 34.21
C TYR B 20 5.90 25.12 34.26
N LYS B 21 5.89 26.38 33.86
CA LYS B 21 7.04 27.32 33.82
C LYS B 21 6.80 28.44 34.85
N LEU B 22 7.87 28.91 35.49
CA LEU B 22 7.78 29.89 36.60
C LEU B 22 8.02 31.32 36.10
N VAL B 23 7.09 32.23 36.43
CA VAL B 23 7.16 33.70 36.13
C VAL B 23 6.92 34.51 37.40
N ALA B 24 7.74 35.55 37.64
CA ALA B 24 7.57 36.56 38.71
C ALA B 24 7.44 37.96 38.09
N VAL B 25 6.39 38.71 38.46
CA VAL B 25 6.18 40.14 38.07
C VAL B 25 6.87 41.04 39.10
N ILE B 26 8.05 41.59 38.82
CA ILE B 26 8.89 42.32 39.81
C ILE B 26 9.26 43.72 39.27
N ASP B 27 9.86 44.59 40.11
CA ASP B 27 10.41 45.93 39.78
C ASP B 27 9.24 46.90 39.51
N LYS B 28 8.48 46.67 38.43
CA LYS B 28 7.34 47.53 37.99
C LYS B 28 6.26 47.53 39.06
N LYS B 29 6.02 48.69 39.67
CA LYS B 29 4.90 48.96 40.61
C LYS B 29 3.61 48.97 39.79
N ALA B 30 3.35 47.88 39.05
CA ALA B 30 2.10 47.63 38.29
C ALA B 30 1.02 47.05 39.21
N SER B 31 1.25 47.03 40.53
CA SER B 31 0.23 46.85 41.59
C SER B 31 0.06 48.18 42.38
N ALA B 32 0.44 49.30 41.77
CA ALA B 32 0.07 50.67 42.20
C ALA B 32 -1.35 50.99 41.70
N ASN B 33 -2.26 50.01 41.79
CA ASN B 33 -3.74 50.20 41.68
C ASN B 33 -4.42 48.97 42.34
N GLU B 45 11.59 36.93 51.45
CA GLU B 45 12.51 35.76 51.31
C GLU B 45 11.90 34.77 50.30
N THR B 46 11.50 35.27 49.14
CA THR B 46 10.85 34.49 48.04
C THR B 46 11.89 33.51 47.49
N ALA B 47 13.14 33.97 47.28
CA ALA B 47 14.32 33.18 46.82
C ALA B 47 14.56 31.92 47.68
N LYS B 48 14.41 32.00 49.01
CA LYS B 48 14.50 30.83 49.92
C LYS B 48 13.22 29.97 49.77
N LYS B 49 12.06 30.59 49.57
CA LYS B 49 10.73 29.93 49.52
C LYS B 49 10.52 29.18 48.19
N LEU B 50 11.32 29.44 47.16
CA LEU B 50 11.28 28.67 45.88
C LEU B 50 12.40 27.62 45.86
N SER B 51 13.47 27.80 46.66
CA SER B 51 14.53 26.78 46.91
C SER B 51 13.88 25.47 47.42
N THR B 52 12.74 25.60 48.12
CA THR B 52 11.94 24.46 48.65
C THR B 52 11.43 23.56 47.51
N VAL B 53 11.20 24.10 46.31
CA VAL B 53 10.51 23.39 45.19
C VAL B 53 11.46 23.23 43.99
N ILE B 54 12.05 24.31 43.47
CA ILE B 54 12.94 24.24 42.27
C ILE B 54 14.34 23.84 42.75
N ASN B 55 15.34 23.88 41.86
CA ASN B 55 16.77 23.52 42.14
C ASN B 55 16.82 22.34 43.13
N ALA B 70 11.39 45.70 33.66
CA ALA B 70 11.54 44.26 33.31
C ALA B 70 10.19 43.53 33.39
N PHE B 71 9.28 43.92 34.29
CA PHE B 71 7.93 43.32 34.49
C PHE B 71 8.06 41.81 34.78
N GLN B 72 7.83 40.92 33.79
CA GLN B 72 7.78 39.43 33.94
C GLN B 72 9.15 38.82 33.59
N ILE B 73 9.63 37.83 34.34
CA ILE B 73 10.99 37.26 34.13
C ILE B 73 10.99 35.75 34.42
N GLU B 74 12.01 35.07 33.91
CA GLU B 74 12.16 33.58 33.93
C GLU B 74 13.43 33.22 34.70
N PHE B 75 13.48 31.97 35.18
CA PHE B 75 14.54 31.43 36.08
C PHE B 75 15.19 30.21 35.40
N GLY B 76 15.65 30.40 34.16
CA GLY B 76 16.36 29.36 33.38
C GLY B 76 15.60 28.05 33.33
N ARG B 77 16.35 26.94 33.19
CA ARG B 77 15.81 25.59 32.84
C ARG B 77 15.24 24.86 34.08
N LYS B 78 15.75 25.17 35.27
CA LYS B 78 15.36 24.47 36.53
C LYS B 78 13.98 24.95 36.96
N GLY B 79 13.46 26.06 36.37
CA GLY B 79 12.13 26.63 36.63
C GLY B 79 11.09 26.35 35.54
N THR B 80 11.39 25.47 34.58
CA THR B 80 10.41 24.84 33.65
C THR B 80 10.29 23.35 33.97
N ASN B 81 9.33 22.68 33.33
CA ASN B 81 9.01 21.25 33.52
C ASN B 81 8.81 20.98 35.01
N LEU B 82 7.78 21.59 35.61
CA LEU B 82 7.43 21.39 37.05
C LEU B 82 6.08 20.72 37.12
N THR B 83 5.96 19.66 37.94
CA THR B 83 4.72 18.83 38.02
C THR B 83 3.57 19.73 38.49
N TYR B 84 2.33 19.22 38.43
CA TYR B 84 1.11 19.96 38.85
C TYR B 84 1.08 20.10 40.38
N GLN B 85 1.85 19.30 41.12
CA GLN B 85 2.01 19.44 42.59
C GLN B 85 2.98 20.59 42.88
N ASP B 86 4.08 20.69 42.14
CA ASP B 86 5.08 21.80 42.21
C ASP B 86 4.40 23.17 41.99
N LYS B 87 3.27 23.19 41.29
CA LYS B 87 2.44 24.41 41.09
C LYS B 87 1.67 24.67 42.40
N LEU B 88 0.84 23.72 42.85
CA LEU B 88 -0.01 23.83 44.09
C LEU B 88 0.86 24.21 45.30
N LYS B 89 2.10 23.69 45.38
CA LYS B 89 3.09 24.01 46.45
C LYS B 89 3.42 25.50 46.39
N ILE B 90 3.83 26.00 45.22
CA ILE B 90 4.27 27.42 45.00
C ILE B 90 3.04 28.33 45.08
N GLU B 91 1.84 27.84 44.75
CA GLU B 91 0.59 28.65 44.80
C GLU B 91 0.15 28.88 46.26
N LYS B 92 0.29 27.86 47.13
CA LYS B 92 -0.12 27.95 48.58
C LYS B 92 0.71 29.05 49.27
N MET B 93 2.01 29.13 48.96
CA MET B 93 2.87 30.26 49.38
C MET B 93 2.38 31.44 48.54
N ASN B 94 1.53 32.30 49.07
CA ASN B 94 0.86 33.38 48.29
C ASN B 94 1.86 34.51 48.11
N LEU B 95 3.08 34.19 47.65
CA LEU B 95 4.16 35.18 47.37
C LEU B 95 3.63 36.17 46.33
N PRO B 96 4.10 37.45 46.34
CA PRO B 96 3.65 38.52 45.45
C PRO B 96 2.85 38.19 44.17
N GLY B 97 3.41 38.44 42.99
CA GLY B 97 2.79 38.17 41.66
C GLY B 97 3.44 37.00 40.94
N ILE B 98 3.99 36.04 41.71
CA ILE B 98 4.63 34.80 41.20
C ILE B 98 3.51 33.91 40.66
N SER B 99 3.60 33.53 39.38
CA SER B 99 2.60 32.76 38.60
C SER B 99 3.28 31.55 37.94
N LEU B 100 2.47 30.59 37.48
CA LEU B 100 2.92 29.38 36.73
C LEU B 100 2.12 29.24 35.43
N LEU B 101 2.80 29.47 34.30
CA LEU B 101 2.27 29.34 32.92
C LEU B 101 2.37 27.87 32.51
N PRO B 102 1.33 27.32 31.85
CA PRO B 102 1.37 25.93 31.40
C PRO B 102 2.27 25.79 30.16
N GLU B 103 2.92 24.64 30.03
CA GLU B 103 3.98 24.31 29.04
C GLU B 103 3.88 22.81 28.69
N THR B 104 3.96 22.46 27.41
CA THR B 104 3.58 21.12 26.89
C THR B 104 4.85 20.32 26.65
N GLU B 105 5.04 19.23 27.40
CA GLU B 105 6.29 18.43 27.37
C GLU B 105 6.00 17.09 26.69
N ARG B 106 7.02 16.49 26.08
CA ARG B 106 6.93 15.14 25.50
C ARG B 106 7.25 14.14 26.62
N PHE B 107 6.44 13.11 26.80
CA PHE B 107 6.56 12.14 27.92
C PHE B 107 6.62 10.70 27.36
N TYR B 108 7.64 9.95 27.76
CA TYR B 108 7.85 8.53 27.39
C TYR B 108 7.64 7.67 28.64
N PRO B 109 6.41 7.15 28.83
CA PRO B 109 6.09 6.28 29.95
C PRO B 109 7.13 5.22 30.35
N ASN B 110 7.85 4.63 29.39
CA ASN B 110 8.78 3.50 29.67
C ASN B 110 10.23 4.01 29.72
N GLY B 111 10.45 5.30 29.46
CA GLY B 111 11.77 5.93 29.51
C GLY B 111 12.68 5.34 28.45
N ASN B 112 13.80 4.72 28.87
CA ASN B 112 14.71 3.98 27.95
C ASN B 112 14.02 2.70 27.48
N PHE B 113 13.56 2.69 26.23
CA PHE B 113 12.60 1.70 25.67
C PHE B 113 12.49 1.95 24.16
N ALA B 114 12.87 0.96 23.36
CA ALA B 114 12.87 1.08 21.89
C ALA B 114 13.35 2.48 21.47
N SER B 115 14.29 3.04 22.22
CA SER B 115 14.64 4.48 22.14
C SER B 115 15.09 4.86 20.73
N HIS B 116 15.72 3.97 19.98
CA HIS B 116 16.31 4.31 18.65
C HIS B 116 15.29 4.08 17.53
N LEU B 117 14.23 3.32 17.81
CA LEU B 117 13.04 3.19 16.92
C LEU B 117 12.11 4.40 17.14
N ILE B 118 11.61 4.55 18.36
CA ILE B 118 10.66 5.62 18.78
C ILE B 118 11.29 6.99 18.56
N GLY B 119 12.54 7.17 18.95
CA GLY B 119 13.23 8.46 18.78
C GLY B 119 12.83 9.44 19.87
N ARG B 120 13.11 10.73 19.63
CA ARG B 120 12.87 11.80 20.61
C ARG B 120 12.40 13.06 19.87
N ALA B 121 11.44 13.76 20.47
CA ALA B 121 10.98 15.10 20.07
C ALA B 121 11.61 16.15 20.98
N GLN B 122 12.12 17.23 20.40
CA GLN B 122 12.79 18.33 21.15
C GLN B 122 11.93 19.59 21.11
N LYS B 123 12.00 20.37 22.18
CA LYS B 123 11.37 21.71 22.31
C LYS B 123 12.19 22.73 21.51
N ASN B 124 11.52 23.53 20.68
CA ASN B 124 12.10 24.75 20.07
C ASN B 124 12.38 25.74 21.20
N PRO B 125 13.64 26.17 21.40
CA PRO B 125 13.95 27.25 22.34
C PRO B 125 13.14 28.53 22.08
N ASP B 126 12.85 28.81 20.81
CA ASP B 126 12.16 30.03 20.33
C ASP B 126 10.67 30.00 20.73
N THR B 127 9.98 28.87 20.54
CA THR B 127 8.50 28.80 20.50
C THR B 127 7.99 27.65 21.38
N GLY B 128 8.86 26.77 21.86
CA GLY B 128 8.48 25.63 22.71
C GLY B 128 7.60 24.61 22.00
N GLU B 129 7.46 24.68 20.67
CA GLU B 129 6.77 23.61 19.88
C GLU B 129 7.72 22.41 19.76
N LEU B 130 7.16 21.20 19.66
CA LEU B 130 7.91 19.91 19.61
C LEU B 130 8.18 19.46 18.17
N LYS B 131 9.45 19.09 17.87
CA LYS B 131 9.95 18.63 16.55
C LYS B 131 10.72 17.30 16.71
N GLY B 132 10.32 16.25 15.99
CA GLY B 132 11.01 14.95 15.97
C GLY B 132 12.46 15.11 15.52
N ALA B 133 13.41 14.56 16.30
CA ALA B 133 14.87 14.71 16.03
C ALA B 133 15.48 13.38 15.53
N LEU B 134 14.81 12.25 15.77
CA LEU B 134 15.31 10.91 15.37
C LEU B 134 14.16 9.89 15.46
N GLY B 135 14.26 8.80 14.68
CA GLY B 135 13.29 7.69 14.72
C GLY B 135 11.89 8.11 14.32
N VAL B 136 10.88 7.37 14.78
CA VAL B 136 9.44 7.59 14.46
C VAL B 136 9.09 9.07 14.64
N GLU B 137 9.40 9.64 15.80
CA GLU B 137 9.21 11.10 16.03
C GLU B 137 9.67 11.90 14.81
N LYS B 138 10.88 11.68 14.29
CA LYS B 138 11.43 12.46 13.15
C LYS B 138 10.73 12.09 11.83
N ILE B 139 10.66 10.80 11.53
CA ILE B 139 10.11 10.26 10.26
C ILE B 139 8.71 10.83 10.06
N PHE B 140 7.82 10.61 11.02
CA PHE B 140 6.37 10.94 10.95
C PHE B 140 6.05 12.28 11.66
N ASP B 141 6.93 13.27 11.59
CA ASP B 141 6.77 14.54 12.35
C ASP B 141 5.54 15.27 11.81
N SER B 142 5.53 15.57 10.51
CA SER B 142 4.37 16.19 9.81
C SER B 142 3.04 15.52 10.21
N TYR B 143 2.95 14.20 10.32
CA TYR B 143 1.70 13.52 10.74
C TYR B 143 1.44 13.79 12.23
N LEU B 144 2.49 13.77 13.04
CA LEU B 144 2.36 13.85 14.52
C LEU B 144 2.02 15.28 14.95
N SER B 145 2.63 16.31 14.34
CA SER B 145 2.35 17.73 14.69
C SER B 145 1.06 18.16 13.99
N GLY B 146 1.13 18.39 12.68
CA GLY B 146 0.02 18.87 11.82
C GLY B 146 0.54 19.85 10.80
N SER B 147 0.64 19.43 9.52
CA SER B 147 1.22 20.23 8.40
C SER B 147 0.45 19.96 7.10
N PRO B 171 -6.29 25.51 16.44
CA PRO B 171 -6.39 24.65 17.64
C PRO B 171 -6.22 23.15 17.36
N LYS B 172 -5.26 22.79 16.48
CA LYS B 172 -5.25 21.52 15.69
C LYS B 172 -4.62 20.38 16.50
N ARG B 173 -5.25 19.20 16.46
CA ARG B 173 -4.75 17.92 17.04
C ARG B 173 -3.99 17.13 15.96
N GLY B 174 -2.74 16.75 16.23
CA GLY B 174 -1.92 15.92 15.33
C GLY B 174 -2.34 14.45 15.32
N ASP B 175 -1.80 13.67 14.37
CA ASP B 175 -2.26 12.30 14.06
C ASP B 175 -1.45 11.30 14.91
N ASP B 176 -2.06 10.20 15.31
CA ASP B 176 -1.42 9.11 16.08
C ASP B 176 -0.65 8.18 15.15
N VAL B 177 0.46 7.58 15.63
CA VAL B 177 1.29 6.55 14.91
C VAL B 177 1.26 5.26 15.72
N HIS B 178 0.75 4.17 15.18
CA HIS B 178 0.71 2.84 15.84
C HIS B 178 1.84 1.94 15.32
N LEU B 179 2.70 1.41 16.19
CA LEU B 179 3.81 0.48 15.85
C LEU B 179 3.35 -0.95 16.08
N THR B 180 4.14 -1.92 15.59
CA THR B 180 3.92 -3.38 15.73
C THR B 180 4.61 -3.90 16.99
N ILE B 181 5.49 -3.07 17.58
CA ILE B 181 6.22 -3.28 18.87
C ILE B 181 5.22 -3.81 19.92
N ASP B 182 5.57 -4.88 20.61
CA ASP B 182 4.75 -5.38 21.74
C ASP B 182 5.52 -5.06 23.02
N SER B 183 4.99 -4.17 23.85
CA SER B 183 5.69 -3.63 25.04
C SER B 183 6.16 -4.77 25.94
N ASN B 184 5.45 -5.90 25.98
CA ASN B 184 5.83 -7.05 26.84
C ASN B 184 7.15 -7.68 26.37
N ILE B 185 7.28 -7.88 25.06
CA ILE B 185 8.45 -8.51 24.42
C ILE B 185 9.59 -7.47 24.44
N GLN B 186 9.28 -6.21 24.13
CA GLN B 186 10.29 -5.13 24.13
C GLN B 186 10.97 -5.09 25.51
N VAL B 187 10.26 -5.45 26.58
CA VAL B 187 10.82 -5.48 27.97
C VAL B 187 11.87 -6.60 28.06
N PHE B 188 11.50 -7.82 27.68
CA PHE B 188 12.42 -8.98 27.61
C PHE B 188 13.73 -8.56 26.94
N VAL B 189 13.63 -7.88 25.79
CA VAL B 189 14.79 -7.46 24.98
C VAL B 189 15.59 -6.40 25.76
N GLU B 190 14.92 -5.51 26.48
CA GLU B 190 15.61 -4.37 27.11
C GLU B 190 16.41 -4.92 28.31
N GLU B 191 15.86 -5.90 29.04
CA GLU B 191 16.52 -6.52 30.23
C GLU B 191 17.75 -7.32 29.76
N ALA B 192 17.57 -8.16 28.75
CA ALA B 192 18.63 -9.00 28.16
C ALA B 192 19.79 -8.14 27.65
N LEU B 193 19.54 -7.11 26.87
CA LEU B 193 20.65 -6.23 26.36
C LEU B 193 21.30 -5.47 27.53
N ASP B 194 20.55 -5.21 28.62
CA ASP B 194 21.07 -4.51 29.83
C ASP B 194 22.13 -5.40 30.47
N GLY B 195 21.84 -6.71 30.60
CA GLY B 195 22.74 -7.73 31.14
C GLY B 195 24.00 -7.88 30.31
N MET B 196 23.86 -7.88 28.99
CA MET B 196 24.99 -8.09 28.05
C MET B 196 25.94 -6.90 28.12
N VAL B 197 25.45 -5.71 28.49
CA VAL B 197 26.34 -4.52 28.61
C VAL B 197 27.16 -4.66 29.88
N GLU B 198 26.52 -5.11 30.97
CA GLU B 198 27.16 -5.29 32.29
C GLU B 198 28.25 -6.37 32.15
N ARG B 199 28.01 -7.40 31.32
CA ARG B 199 28.87 -8.61 31.22
C ARG B 199 29.96 -8.45 30.15
N TYR B 200 29.72 -7.74 29.05
CA TYR B 200 30.67 -7.72 27.92
C TYR B 200 31.02 -6.29 27.52
N GLN B 201 30.38 -5.26 28.07
CA GLN B 201 30.65 -3.84 27.73
C GLN B 201 31.07 -3.69 26.28
N PRO B 202 30.18 -4.04 25.30
CA PRO B 202 30.54 -4.08 23.89
C PRO B 202 30.46 -2.70 23.24
N LYS B 203 31.15 -2.52 22.13
CA LYS B 203 31.13 -1.25 21.34
C LYS B 203 29.76 -1.06 20.68
N ASP B 204 29.10 -2.15 20.28
CA ASP B 204 27.78 -2.13 19.60
C ASP B 204 27.06 -3.44 19.91
N LEU B 205 25.74 -3.43 19.90
CA LEU B 205 24.91 -4.56 20.36
C LEU B 205 23.49 -4.26 19.90
N PHE B 206 22.74 -5.27 19.47
CA PHE B 206 21.33 -5.11 19.05
C PHE B 206 20.62 -6.45 19.19
N ALA B 207 19.30 -6.42 19.33
CA ALA B 207 18.45 -7.62 19.25
C ALA B 207 17.13 -7.20 18.61
N VAL B 208 16.55 -8.09 17.80
CA VAL B 208 15.27 -7.79 17.10
C VAL B 208 14.48 -9.08 17.08
N VAL B 209 13.23 -9.01 17.50
CA VAL B 209 12.23 -10.11 17.39
C VAL B 209 11.30 -9.71 16.24
N MET B 210 10.97 -10.67 15.36
CA MET B 210 10.07 -10.48 14.21
C MET B 210 9.12 -11.68 14.19
N ASP B 211 7.87 -11.44 13.80
CA ASP B 211 6.89 -12.52 13.54
C ASP B 211 7.39 -13.28 12.31
N ALA B 212 7.69 -14.57 12.46
CA ALA B 212 8.18 -15.46 11.38
C ALA B 212 7.22 -15.41 10.18
N LYS B 213 5.92 -15.26 10.43
CA LYS B 213 4.83 -15.47 9.45
C LYS B 213 4.32 -14.14 8.84
N THR B 214 4.69 -12.97 9.38
CA THR B 214 4.08 -11.67 8.98
C THR B 214 5.14 -10.61 8.69
N GLY B 215 6.31 -10.69 9.34
CA GLY B 215 7.44 -9.77 9.11
C GLY B 215 7.31 -8.53 9.97
N GLU B 216 6.45 -8.60 11.00
CA GLU B 216 6.21 -7.52 11.97
C GLU B 216 7.35 -7.50 12.98
N ILE B 217 8.07 -6.39 13.11
CA ILE B 217 9.04 -6.18 14.23
C ILE B 217 8.22 -6.13 15.53
N LEU B 218 8.31 -7.16 16.36
CA LEU B 218 7.63 -7.25 17.68
C LEU B 218 8.48 -6.56 18.76
N ALA B 219 9.77 -6.35 18.54
CA ALA B 219 10.69 -5.80 19.56
C ALA B 219 12.01 -5.46 18.90
N TYR B 220 12.63 -4.34 19.28
CA TYR B 220 13.93 -3.96 18.74
C TYR B 220 14.61 -3.03 19.72
N SER B 221 15.85 -3.33 20.08
CA SER B 221 16.71 -2.44 20.90
C SER B 221 18.18 -2.56 20.52
N GLN B 222 18.99 -1.61 20.97
CA GLN B 222 20.41 -1.55 20.67
C GLN B 222 21.12 -0.88 21.85
N ARG B 223 22.43 -1.11 22.00
CA ARG B 223 23.33 -0.38 22.94
C ARG B 223 24.61 -0.04 22.18
N PRO B 224 25.23 1.14 22.34
CA PRO B 224 24.69 2.22 23.18
C PRO B 224 23.46 2.88 22.56
N THR B 225 22.63 3.47 23.42
CA THR B 225 21.34 4.12 23.07
C THR B 225 21.17 5.34 23.98
N PHE B 226 19.96 5.90 24.04
CA PHE B 226 19.64 7.11 24.84
C PHE B 226 18.32 6.88 25.59
N ASN B 227 17.99 7.79 26.50
CA ASN B 227 16.66 7.86 27.15
C ASN B 227 15.91 9.02 26.53
N PRO B 228 14.80 8.76 25.81
CA PRO B 228 14.07 9.83 25.14
C PRO B 228 13.45 10.80 26.18
N GLU B 229 13.09 10.29 27.37
CA GLU B 229 12.50 11.07 28.49
C GLU B 229 13.49 12.13 28.95
N THR B 230 14.59 11.70 29.56
CA THR B 230 15.62 12.57 30.19
C THR B 230 16.49 13.26 29.13
N GLY B 231 16.64 12.63 27.96
CA GLY B 231 17.56 13.08 26.90
C GLY B 231 18.98 12.60 27.12
N LYS B 232 19.22 11.71 28.10
CA LYS B 232 20.58 11.22 28.47
C LYS B 232 21.16 10.43 27.30
N ASP B 233 22.28 10.91 26.76
CA ASP B 233 23.10 10.22 25.74
C ASP B 233 22.52 10.43 24.34
N PHE B 234 21.55 11.33 24.18
CA PHE B 234 20.97 11.64 22.85
C PHE B 234 22.06 12.29 21.99
N GLY B 235 22.25 11.78 20.77
CA GLY B 235 23.27 12.24 19.82
C GLY B 235 24.65 11.64 20.04
N LYS B 236 24.79 10.69 20.97
CA LYS B 236 26.06 9.97 21.19
C LYS B 236 26.22 8.86 20.14
N LYS B 237 25.13 8.22 19.74
CA LYS B 237 25.11 7.29 18.56
C LYS B 237 23.89 7.56 17.66
N TRP B 238 24.14 8.17 16.49
CA TRP B 238 23.09 8.59 15.53
C TRP B 238 22.30 7.40 14.96
N ALA B 239 22.99 6.34 14.57
CA ALA B 239 22.46 5.34 13.63
C ALA B 239 21.53 4.36 14.37
N ASN B 240 20.37 4.11 13.77
CA ASN B 240 19.53 2.93 14.11
C ASN B 240 20.22 1.69 13.52
N ASP B 241 20.50 0.69 14.37
CA ASP B 241 21.29 -0.51 13.96
C ASP B 241 20.49 -1.31 12.93
N LEU B 242 19.19 -1.48 13.16
CA LEU B 242 18.30 -2.33 12.32
C LEU B 242 18.34 -1.90 10.85
N TYR B 243 18.48 -0.60 10.55
CA TYR B 243 18.15 -0.03 9.22
C TYR B 243 19.32 0.75 8.66
N GLN B 244 20.13 1.44 9.47
CA GLN B 244 21.09 2.46 8.96
C GLN B 244 22.56 2.09 9.25
N ASN B 245 22.80 1.03 10.02
CA ASN B 245 24.16 0.49 10.29
C ASN B 245 24.39 -0.74 9.41
N THR B 246 25.59 -0.89 8.85
CA THR B 246 25.99 -2.12 8.12
C THR B 246 27.00 -2.92 8.93
N TYR B 247 26.98 -4.24 8.77
CA TYR B 247 27.94 -5.21 9.36
C TYR B 247 28.46 -6.15 8.28
N GLU B 248 29.66 -6.69 8.49
CA GLU B 248 30.12 -7.94 7.85
C GLU B 248 29.46 -9.05 8.66
N PRO B 249 28.39 -9.67 8.14
CA PRO B 249 27.51 -10.50 8.96
C PRO B 249 28.23 -11.67 9.65
N GLY B 250 29.18 -12.27 8.93
CA GLY B 250 29.82 -13.54 9.34
C GLY B 250 28.94 -14.72 8.94
N SER B 251 29.00 -15.82 9.71
CA SER B 251 28.60 -17.15 9.21
C SER B 251 27.08 -17.30 9.22
N THR B 252 26.32 -16.28 9.66
CA THR B 252 24.83 -16.25 9.58
C THR B 252 24.43 -16.24 8.11
N PHE B 253 25.30 -15.62 7.29
CA PHE B 253 25.19 -15.39 5.82
C PHE B 253 25.41 -16.68 5.03
N LYS B 254 25.75 -17.78 5.70
CA LYS B 254 25.98 -19.08 5.03
C LYS B 254 24.64 -19.71 4.64
N SER B 255 23.57 -19.38 5.36
CA SER B 255 22.24 -20.00 5.11
C SER B 255 21.80 -19.66 3.68
N TYR B 256 22.23 -18.53 3.12
CA TYR B 256 21.71 -18.05 1.81
C TYR B 256 22.52 -18.74 0.71
N GLY B 257 23.83 -18.89 0.92
CA GLY B 257 24.72 -19.71 0.07
C GLY B 257 24.27 -21.18 0.03
N LEU B 258 23.91 -21.72 1.19
CA LEU B 258 23.45 -23.12 1.31
C LEU B 258 22.14 -23.29 0.55
N ALA B 259 21.23 -22.32 0.66
CA ALA B 259 19.93 -22.32 -0.05
C ALA B 259 20.21 -22.30 -1.55
N ALA B 260 21.06 -21.39 -2.04
CA ALA B 260 21.38 -21.31 -3.49
C ALA B 260 21.92 -22.68 -3.94
N ALA B 261 22.81 -23.28 -3.18
CA ALA B 261 23.47 -24.55 -3.53
C ALA B 261 22.43 -25.69 -3.53
N ILE B 262 21.55 -25.75 -2.54
CA ILE B 262 20.48 -26.80 -2.50
C ILE B 262 19.62 -26.67 -3.76
N GLN B 263 19.24 -25.45 -4.12
CA GLN B 263 18.38 -25.20 -5.29
C GLN B 263 19.15 -25.61 -6.55
N GLU B 264 20.44 -25.29 -6.63
CA GLU B 264 21.26 -25.51 -7.84
C GLU B 264 21.66 -27.00 -7.98
N GLY B 265 21.60 -27.78 -6.90
CA GLY B 265 21.96 -29.22 -6.90
C GLY B 265 23.35 -29.48 -6.31
N ALA B 266 24.21 -28.46 -6.21
CA ALA B 266 25.58 -28.47 -5.65
C ALA B 266 25.65 -29.10 -4.25
N PHE B 267 24.64 -28.94 -3.41
CA PHE B 267 24.68 -29.39 -1.99
C PHE B 267 23.79 -30.62 -1.85
N ASP B 268 24.38 -31.75 -1.50
CA ASP B 268 23.69 -32.99 -1.08
C ASP B 268 24.22 -33.28 0.32
N PRO B 269 23.36 -33.39 1.34
CA PRO B 269 23.85 -33.52 2.72
C PRO B 269 24.84 -34.68 2.91
N ASP B 270 24.78 -35.73 2.07
CA ASP B 270 25.56 -36.98 2.27
C ASP B 270 26.77 -37.05 1.32
N LYS B 271 26.78 -36.29 0.21
CA LYS B 271 27.98 -36.14 -0.64
C LYS B 271 29.13 -35.60 0.21
N LYS B 272 30.35 -36.07 -0.07
CA LYS B 272 31.59 -35.80 0.71
C LYS B 272 32.37 -34.68 0.00
N TYR B 273 33.08 -33.85 0.75
CA TYR B 273 33.90 -32.72 0.22
C TYR B 273 35.21 -32.68 0.99
N LYS B 274 36.23 -32.08 0.39
CA LYS B 274 37.57 -31.91 0.97
C LYS B 274 37.56 -30.68 1.89
N SER B 275 37.47 -30.93 3.20
CA SER B 275 37.61 -29.89 4.25
C SER B 275 39.08 -29.50 4.38
N GLY B 276 39.40 -28.58 5.28
CA GLY B 276 40.77 -28.13 5.57
C GLY B 276 40.98 -26.66 5.27
N HIS B 277 41.26 -26.32 4.01
CA HIS B 277 41.60 -24.92 3.62
C HIS B 277 41.54 -24.72 2.10
N ARG B 278 41.74 -23.50 1.64
CA ARG B 278 41.84 -23.17 0.21
C ARG B 278 42.81 -22.00 0.13
N ASP B 279 43.60 -21.97 -0.94
CA ASP B 279 44.58 -20.89 -1.22
C ASP B 279 43.89 -20.06 -2.30
N ILE B 280 43.47 -18.85 -1.95
CA ILE B 280 42.73 -17.91 -2.84
C ILE B 280 43.61 -16.67 -3.03
N MET B 281 43.94 -16.36 -4.29
CA MET B 281 44.77 -15.16 -4.63
C MET B 281 45.88 -15.01 -3.59
N GLY B 282 46.60 -16.10 -3.28
CA GLY B 282 47.78 -16.09 -2.40
C GLY B 282 47.45 -16.18 -0.92
N SER B 283 46.22 -15.91 -0.47
CA SER B 283 45.82 -16.00 0.96
C SER B 283 45.34 -17.43 1.28
N ARG B 284 45.67 -17.93 2.47
CA ARG B 284 45.19 -19.27 2.95
C ARG B 284 43.98 -19.05 3.88
N ILE B 285 42.79 -19.20 3.34
CA ILE B 285 41.52 -19.19 4.11
C ILE B 285 41.28 -20.63 4.56
N SER B 286 41.08 -20.85 5.84
CA SER B 286 41.00 -22.21 6.42
C SER B 286 39.75 -22.36 7.29
N ASP B 287 39.36 -23.60 7.60
CA ASP B 287 38.31 -23.88 8.61
C ASP B 287 38.85 -23.36 9.94
N TRP B 288 38.02 -23.35 10.98
CA TRP B 288 38.31 -22.57 12.21
C TRP B 288 39.30 -23.33 13.09
N ASN B 289 39.35 -24.66 13.02
CA ASN B 289 40.34 -25.52 13.72
C ASN B 289 41.66 -25.64 12.91
N ARG B 290 41.76 -25.01 11.74
CA ARG B 290 42.99 -24.90 10.89
C ARG B 290 43.18 -26.16 10.05
N VAL B 291 43.16 -27.32 10.70
CA VAL B 291 43.42 -28.65 10.08
C VAL B 291 42.23 -29.11 9.22
N GLY B 292 40.99 -28.90 9.67
CA GLY B 292 39.80 -29.46 9.03
C GLY B 292 39.39 -30.77 9.67
N TRP B 293 38.67 -31.60 8.92
CA TRP B 293 38.24 -32.96 9.34
C TRP B 293 38.44 -33.93 8.15
N GLY B 294 39.29 -33.55 7.19
CA GLY B 294 39.48 -34.28 5.92
C GLY B 294 38.18 -34.38 5.13
N GLU B 295 37.87 -35.55 4.58
CA GLU B 295 36.67 -35.79 3.73
C GLU B 295 35.50 -36.04 4.66
N ILE B 296 34.58 -35.07 4.77
CA ILE B 296 33.34 -35.20 5.57
C ILE B 296 32.15 -34.94 4.68
N PRO B 297 30.97 -35.44 5.08
CA PRO B 297 29.72 -35.13 4.38
C PRO B 297 29.37 -33.64 4.55
N MET B 298 28.83 -33.02 3.51
CA MET B 298 28.46 -31.57 3.47
C MET B 298 27.51 -31.21 4.62
N SER B 299 26.56 -32.08 4.99
CA SER B 299 25.72 -31.90 6.20
C SER B 299 26.60 -31.56 7.40
N LEU B 300 27.59 -32.40 7.69
CA LEU B 300 28.49 -32.19 8.86
C LEU B 300 29.33 -30.92 8.65
N GLY B 301 29.70 -30.65 7.40
CA GLY B 301 30.44 -29.41 7.05
C GLY B 301 29.73 -28.20 7.60
N PHE B 302 28.45 -28.06 7.27
CA PHE B 302 27.58 -26.92 7.65
C PHE B 302 27.42 -26.91 9.17
N THR B 303 27.08 -28.05 9.77
CA THR B 303 26.95 -28.20 11.25
C THR B 303 28.19 -27.64 11.96
N TYR B 304 29.40 -27.95 11.47
CA TYR B 304 30.69 -27.42 11.97
C TYR B 304 30.91 -25.97 11.55
N SER B 305 30.19 -25.44 10.56
CA SER B 305 30.46 -24.08 10.04
C SER B 305 31.85 -24.11 9.35
N SER B 306 32.01 -24.98 8.37
CA SER B 306 33.24 -25.07 7.56
C SER B 306 33.24 -23.96 6.52
N ASN B 307 34.24 -23.10 6.49
CA ASN B 307 34.37 -22.12 5.39
C ASN B 307 34.71 -22.85 4.08
N THR B 308 35.29 -24.04 4.15
CA THR B 308 35.79 -24.71 2.91
C THR B 308 34.56 -25.22 2.18
N LEU B 309 33.58 -25.72 2.92
CA LEU B 309 32.27 -26.12 2.33
C LEU B 309 31.73 -24.97 1.49
N MET B 310 31.69 -23.76 2.05
CA MET B 310 31.03 -22.62 1.37
C MET B 310 31.86 -22.23 0.14
N MET B 311 33.19 -22.15 0.27
CA MET B 311 34.08 -21.82 -0.86
C MET B 311 33.94 -22.91 -1.94
N HIS B 312 33.79 -24.16 -1.50
CA HIS B 312 33.54 -25.30 -2.41
C HIS B 312 32.23 -25.07 -3.18
N LEU B 313 31.12 -24.92 -2.46
CA LEU B 313 29.75 -24.76 -3.06
C LEU B 313 29.76 -23.56 -4.01
N GLN B 314 30.52 -22.51 -3.70
CA GLN B 314 30.60 -21.31 -4.58
C GLN B 314 31.20 -21.71 -5.93
N ASP B 315 32.23 -22.57 -5.92
CA ASP B 315 32.94 -23.04 -7.15
C ASP B 315 31.98 -23.93 -7.94
N LEU B 316 31.28 -24.85 -7.28
CA LEU B 316 30.28 -25.76 -7.89
C LEU B 316 29.16 -24.99 -8.62
N VAL B 317 28.73 -23.86 -8.07
CA VAL B 317 27.55 -23.11 -8.56
C VAL B 317 28.01 -22.07 -9.59
N GLY B 318 29.08 -21.34 -9.29
CA GLY B 318 29.67 -20.30 -10.17
C GLY B 318 29.61 -18.93 -9.53
N ALA B 319 30.68 -18.15 -9.66
CA ALA B 319 30.81 -16.77 -9.12
C ALA B 319 29.68 -15.89 -9.67
N ASP B 320 29.47 -15.89 -11.00
CA ASP B 320 28.41 -15.05 -11.61
C ASP B 320 27.04 -15.48 -11.09
N LYS B 321 26.80 -16.78 -10.90
CA LYS B 321 25.47 -17.26 -10.46
C LYS B 321 25.24 -16.91 -8.99
N MET B 322 26.30 -16.74 -8.22
CA MET B 322 26.18 -16.54 -6.75
C MET B 322 25.95 -15.06 -6.45
N LYS B 323 26.64 -14.16 -7.13
CA LYS B 323 26.33 -12.71 -7.01
C LYS B 323 24.83 -12.55 -7.24
N SER B 324 24.29 -13.17 -8.29
CA SER B 324 22.84 -13.11 -8.64
C SER B 324 22.01 -13.61 -7.48
N TRP B 325 22.37 -14.75 -6.89
CA TRP B 325 21.61 -15.41 -5.81
C TRP B 325 21.56 -14.54 -4.55
N TYR B 326 22.61 -13.79 -4.29
CA TYR B 326 22.68 -12.88 -3.12
C TYR B 326 21.70 -11.74 -3.39
N GLU B 327 21.80 -11.10 -4.57
CA GLU B 327 20.85 -10.08 -5.09
C GLU B 327 19.39 -10.55 -4.98
N ARG B 328 19.11 -11.81 -5.25
CA ARG B 328 17.74 -12.37 -5.24
C ARG B 328 17.23 -12.55 -3.81
N PHE B 329 18.13 -12.58 -2.82
CA PHE B 329 17.82 -12.67 -1.37
C PHE B 329 17.78 -11.26 -0.77
N GLY B 330 18.01 -10.25 -1.60
CA GLY B 330 17.66 -8.86 -1.23
C GLY B 330 18.87 -8.06 -0.82
N PHE B 331 20.07 -8.61 -0.97
CA PHE B 331 21.31 -7.95 -0.47
C PHE B 331 21.79 -6.91 -1.46
N GLY B 332 22.57 -5.96 -0.96
CA GLY B 332 23.11 -4.83 -1.74
C GLY B 332 22.05 -3.83 -2.17
N LYS B 333 20.79 -3.98 -1.73
CA LYS B 333 19.66 -3.08 -2.08
C LYS B 333 18.72 -2.94 -0.88
N SER B 334 18.32 -1.69 -0.59
CA SER B 334 17.46 -1.29 0.55
C SER B 334 16.16 -2.10 0.55
N THR B 335 15.66 -2.49 1.72
CA THR B 335 14.38 -3.25 1.86
C THR B 335 13.20 -2.33 1.55
N LYS B 336 13.45 -1.02 1.43
CA LYS B 336 12.46 0.06 1.19
C LYS B 336 11.44 0.12 2.32
N GLY B 337 11.89 0.05 3.57
CA GLY B 337 11.01 0.13 4.76
C GLY B 337 10.75 1.57 5.13
N MET B 338 10.05 1.82 6.23
CA MET B 338 9.54 3.17 6.60
C MET B 338 10.62 4.04 7.27
N PHE B 339 11.82 3.53 7.54
CA PHE B 339 12.83 4.28 8.32
C PHE B 339 13.61 5.23 7.40
N ASP B 340 14.09 6.34 7.96
CA ASP B 340 14.92 7.33 7.23
C ASP B 340 16.29 6.71 6.96
N GLY B 341 16.99 7.19 5.92
CA GLY B 341 18.40 6.90 5.58
C GLY B 341 18.77 5.42 5.64
N GLU B 342 17.91 4.53 5.12
CA GLU B 342 18.13 3.06 5.17
C GLU B 342 19.38 2.72 4.36
N ALA B 343 20.24 1.86 4.89
CA ALA B 343 21.50 1.45 4.23
C ALA B 343 21.20 0.28 3.31
N PRO B 344 21.77 0.33 2.07
CA PRO B 344 21.67 -0.80 1.13
C PRO B 344 22.74 -1.86 1.43
N GLY B 345 23.89 -1.43 1.98
CA GLY B 345 25.12 -2.24 2.06
C GLY B 345 25.61 -2.60 0.66
N GLN B 346 26.53 -3.56 0.53
CA GLN B 346 27.05 -3.94 -0.81
C GLN B 346 27.50 -5.40 -0.78
N ILE B 347 27.33 -6.10 -1.91
CA ILE B 347 27.90 -7.45 -2.13
C ILE B 347 29.35 -7.28 -2.63
N GLY B 348 30.34 -7.68 -1.83
CA GLY B 348 31.78 -7.65 -2.21
C GLY B 348 32.13 -8.77 -3.18
N TRP B 349 32.51 -8.43 -4.41
CA TRP B 349 32.62 -9.40 -5.54
C TRP B 349 33.59 -8.87 -6.60
N SER B 350 34.58 -8.05 -6.21
CA SER B 350 35.51 -7.34 -7.14
C SER B 350 36.68 -8.25 -7.54
N ASN B 351 37.09 -9.16 -6.64
CA ASN B 351 38.14 -10.18 -6.87
C ASN B 351 37.74 -11.46 -6.14
N GLU B 352 38.34 -12.59 -6.50
CA GLU B 352 37.98 -13.94 -5.99
C GLU B 352 38.21 -14.01 -4.48
N LEU B 353 39.03 -13.14 -3.91
CA LEU B 353 39.26 -13.17 -2.45
C LEU B 353 38.02 -12.62 -1.76
N GLN B 354 37.45 -11.52 -2.30
CA GLN B 354 36.18 -10.92 -1.80
C GLN B 354 35.05 -11.92 -1.98
N GLN B 355 34.91 -12.52 -3.17
CA GLN B 355 33.82 -13.48 -3.46
C GLN B 355 33.89 -14.64 -2.47
N LYS B 356 35.07 -15.22 -2.27
CA LYS B 356 35.21 -16.47 -1.49
C LYS B 356 34.96 -16.14 -0.01
N THR B 357 35.37 -14.96 0.45
CA THR B 357 35.16 -14.52 1.85
C THR B 357 33.67 -14.14 2.03
N SER B 358 33.04 -13.55 1.02
CA SER B 358 31.57 -13.29 1.01
C SER B 358 30.81 -14.58 1.29
N SER B 359 31.33 -15.75 0.93
CA SER B 359 30.60 -17.03 1.13
C SER B 359 30.36 -17.28 2.62
N PHE B 360 31.19 -16.72 3.51
CA PHE B 360 31.03 -16.92 4.98
C PHE B 360 30.89 -15.56 5.69
N GLY B 361 30.55 -14.52 4.92
CA GLY B 361 29.99 -13.28 5.47
C GLY B 361 31.05 -12.29 5.89
N GLN B 362 32.11 -12.19 5.10
CA GLN B 362 33.09 -11.09 5.21
C GLN B 362 33.06 -10.36 3.88
N SER B 363 33.64 -9.17 3.80
CA SER B 363 33.65 -8.30 2.57
C SER B 363 32.26 -7.70 2.34
N THR B 364 31.28 -8.50 1.92
CA THR B 364 29.86 -8.12 1.81
C THR B 364 29.39 -7.48 3.12
N THR B 365 28.63 -6.37 3.04
CA THR B 365 28.00 -5.67 4.20
C THR B 365 26.47 -5.76 4.14
N VAL B 366 25.86 -6.11 5.26
CA VAL B 366 24.38 -6.25 5.37
C VAL B 366 23.87 -5.31 6.45
N THR B 367 22.58 -5.00 6.38
CA THR B 367 21.75 -4.42 7.47
C THR B 367 21.07 -5.57 8.17
N PRO B 368 20.89 -5.50 9.49
CA PRO B 368 20.14 -6.55 10.17
C PRO B 368 18.75 -6.79 9.53
N VAL B 369 18.16 -5.79 8.89
CA VAL B 369 16.75 -5.93 8.38
C VAL B 369 16.81 -6.75 7.07
N GLN B 370 17.83 -6.52 6.24
CA GLN B 370 18.16 -7.37 5.06
C GLN B 370 18.26 -8.85 5.48
N MET B 371 18.91 -9.12 6.62
CA MET B 371 19.12 -10.50 7.15
C MET B 371 17.76 -11.09 7.52
N LEU B 372 16.89 -10.34 8.20
CA LEU B 372 15.56 -10.83 8.60
C LEU B 372 14.69 -11.05 7.36
N GLN B 373 14.74 -10.12 6.38
CA GLN B 373 14.02 -10.28 5.10
C GLN B 373 14.42 -11.61 4.48
N ALA B 374 15.75 -11.83 4.33
CA ALA B 374 16.36 -13.04 3.72
C ALA B 374 15.91 -14.28 4.49
N GLN B 375 16.11 -14.26 5.80
CA GLN B 375 15.91 -15.43 6.67
C GLN B 375 14.44 -15.85 6.63
N SER B 376 13.51 -14.93 6.39
CA SER B 376 12.06 -15.22 6.46
C SER B 376 11.69 -16.31 5.44
N ALA B 377 12.43 -16.38 4.32
CA ALA B 377 12.13 -17.30 3.19
C ALA B 377 12.07 -18.75 3.67
N PHE B 378 12.82 -19.10 4.71
CA PHE B 378 12.94 -20.50 5.16
C PHE B 378 11.64 -20.92 5.81
N PHE B 379 10.79 -19.99 6.25
CA PHE B 379 9.57 -20.31 7.02
C PHE B 379 8.28 -19.93 6.29
N ASN B 380 8.38 -19.28 5.13
CA ASN B 380 7.22 -18.84 4.30
C ASN B 380 7.30 -19.49 2.92
N ASP B 381 7.49 -20.81 2.90
CA ASP B 381 7.59 -21.66 1.68
C ASP B 381 8.37 -20.95 0.56
N GLY B 382 9.43 -20.22 0.90
CA GLY B 382 10.34 -19.61 -0.07
C GLY B 382 10.11 -18.13 -0.25
N ASN B 383 9.00 -17.62 0.28
CA ASN B 383 8.65 -16.18 0.15
C ASN B 383 9.40 -15.37 1.21
N MET B 384 10.23 -14.43 0.79
CA MET B 384 10.78 -13.37 1.66
C MET B 384 9.66 -12.38 2.02
N LEU B 385 9.48 -12.11 3.33
CA LEU B 385 8.53 -11.08 3.86
C LEU B 385 9.26 -9.76 4.06
N LYS B 386 8.77 -8.68 3.50
CA LYS B 386 9.31 -7.33 3.78
C LYS B 386 9.01 -7.02 5.25
N PRO B 387 10.02 -6.78 6.09
CA PRO B 387 9.80 -6.54 7.50
C PRO B 387 9.27 -5.12 7.67
N TRP B 388 8.36 -4.95 8.64
CA TRP B 388 7.63 -3.68 8.93
C TRP B 388 7.40 -3.53 10.43
N PHE B 389 7.38 -2.27 10.89
CA PHE B 389 7.17 -1.90 12.32
C PHE B 389 5.99 -0.91 12.51
N VAL B 390 5.78 0.04 11.59
CA VAL B 390 4.59 0.95 11.55
C VAL B 390 3.32 0.19 11.10
N ASN B 391 2.30 0.20 11.96
CA ASN B 391 1.05 -0.56 11.79
C ASN B 391 -0.03 0.37 11.24
N SER B 392 -0.05 1.65 11.62
CA SER B 392 -0.90 2.69 10.98
C SER B 392 -0.57 4.10 11.45
N VAL B 393 -1.07 5.07 10.71
CA VAL B 393 -1.05 6.51 11.06
C VAL B 393 -2.47 7.04 10.83
N GLU B 394 -3.21 7.22 11.91
CA GLU B 394 -4.63 7.68 11.86
C GLU B 394 -4.81 8.92 12.73
N ASN B 395 -5.72 9.79 12.30
CA ASN B 395 -6.35 10.83 13.16
C ASN B 395 -7.22 10.20 14.22
N PRO B 396 -7.09 10.59 15.52
CA PRO B 396 -7.82 9.89 16.58
C PRO B 396 -9.28 10.34 16.69
N VAL B 397 -9.59 11.54 16.16
CA VAL B 397 -10.97 12.09 16.04
C VAL B 397 -11.71 11.45 14.85
N SER B 398 -11.25 11.73 13.61
CA SER B 398 -11.89 11.29 12.34
C SER B 398 -11.77 9.78 12.17
N LYS B 399 -10.73 9.16 12.72
CA LYS B 399 -10.44 7.69 12.65
C LYS B 399 -9.94 7.35 11.23
N ARG B 400 -9.58 8.38 10.46
CA ARG B 400 -9.05 8.23 9.09
C ARG B 400 -7.60 7.74 9.17
N GLN B 401 -7.33 6.57 8.57
CA GLN B 401 -5.98 5.98 8.40
C GLN B 401 -5.30 6.60 7.19
N PHE B 402 -4.36 7.52 7.37
CA PHE B 402 -3.53 8.08 6.30
C PHE B 402 -2.54 7.04 5.75
N TYR B 403 -2.17 6.04 6.57
CA TYR B 403 -1.22 4.94 6.25
C TYR B 403 -1.61 3.66 7.00
N LYS B 404 -1.53 2.52 6.34
CA LYS B 404 -1.71 1.20 6.99
C LYS B 404 -0.69 0.21 6.40
N GLY B 405 0.14 -0.38 7.25
CA GLY B 405 1.13 -1.40 6.87
C GLY B 405 0.48 -2.77 6.83
N GLN B 406 1.15 -3.73 6.17
CA GLN B 406 0.67 -5.12 6.05
C GLN B 406 1.82 -6.02 5.60
N LYS B 407 1.62 -7.33 5.76
CA LYS B 407 2.47 -8.39 5.15
C LYS B 407 2.55 -8.18 3.64
N GLN B 408 3.75 -8.03 3.11
CA GLN B 408 4.07 -7.97 1.67
C GLN B 408 5.25 -8.90 1.37
N ILE B 409 5.27 -9.49 0.18
CA ILE B 409 6.33 -10.43 -0.28
C ILE B 409 7.39 -9.60 -1.02
N ALA B 410 8.65 -9.74 -0.61
CA ALA B 410 9.81 -8.97 -1.10
C ALA B 410 10.54 -9.74 -2.21
N GLY B 411 10.26 -11.04 -2.30
CA GLY B 411 10.78 -11.97 -3.31
C GLY B 411 10.41 -13.40 -2.96
N LYS B 412 10.42 -14.28 -3.94
CA LYS B 412 10.40 -15.75 -3.74
C LYS B 412 11.66 -16.30 -4.40
N PRO B 413 12.85 -16.17 -3.76
CA PRO B 413 14.08 -16.56 -4.42
C PRO B 413 14.32 -18.09 -4.36
N ILE B 414 13.55 -18.83 -3.56
CA ILE B 414 13.73 -20.31 -3.42
C ILE B 414 12.36 -20.99 -3.35
N THR B 415 12.39 -22.29 -3.57
CA THR B 415 11.25 -23.23 -3.61
C THR B 415 10.89 -23.58 -2.17
N LYS B 416 9.65 -24.01 -1.96
CA LYS B 416 9.19 -24.62 -0.69
C LYS B 416 10.23 -25.66 -0.24
N ASP B 417 10.62 -26.54 -1.18
CA ASP B 417 11.53 -27.70 -0.96
C ASP B 417 12.91 -27.22 -0.51
N THR B 418 13.54 -26.34 -1.27
CA THR B 418 14.82 -25.71 -0.90
C THR B 418 14.73 -25.25 0.56
N ALA B 419 13.71 -24.47 0.87
CA ALA B 419 13.44 -23.90 2.21
C ALA B 419 13.35 -25.01 3.27
N GLU B 420 12.60 -26.08 3.03
CA GLU B 420 12.43 -27.19 4.01
C GLU B 420 13.79 -27.84 4.30
N LYS B 421 14.70 -27.83 3.33
CA LYS B 421 16.02 -28.49 3.42
C LYS B 421 17.03 -27.56 4.12
N VAL B 422 17.00 -26.27 3.83
CA VAL B 422 17.77 -25.26 4.62
C VAL B 422 17.35 -25.41 6.09
N GLU B 423 16.07 -25.64 6.37
CA GLU B 423 15.55 -25.77 7.75
C GLU B 423 16.24 -26.97 8.42
N LYS B 424 16.36 -28.11 7.73
CA LYS B 424 16.93 -29.35 8.35
C LYS B 424 18.37 -29.08 8.78
N GLN B 425 19.11 -28.32 7.98
CA GLN B 425 20.52 -27.96 8.29
C GLN B 425 20.54 -27.05 9.53
N LEU B 426 19.68 -26.03 9.59
CA LEU B 426 19.62 -25.10 10.74
C LEU B 426 19.22 -25.89 11.99
N ASP B 427 18.39 -26.94 11.86
CA ASP B 427 18.00 -27.77 13.03
C ASP B 427 19.28 -28.41 13.57
N LEU B 428 20.08 -29.03 12.70
CA LEU B 428 21.34 -29.72 13.07
C LEU B 428 22.34 -28.73 13.66
N VAL B 429 22.51 -27.54 13.08
CA VAL B 429 23.51 -26.55 13.59
C VAL B 429 23.44 -26.48 15.12
N VAL B 430 22.23 -26.57 15.69
CA VAL B 430 21.98 -26.41 17.16
C VAL B 430 21.87 -27.78 17.82
N ASN B 431 21.21 -28.74 17.17
CA ASN B 431 20.70 -29.98 17.82
C ASN B 431 21.47 -31.24 17.38
N SER B 432 22.28 -31.17 16.32
CA SER B 432 23.27 -32.22 15.97
C SER B 432 24.11 -32.56 17.20
N LYS B 433 24.44 -33.84 17.38
CA LYS B 433 25.33 -34.32 18.48
C LYS B 433 26.73 -33.74 18.28
N LYS B 434 27.10 -33.37 17.04
CA LYS B 434 28.40 -32.73 16.68
C LYS B 434 28.24 -31.19 16.63
N SER B 435 27.19 -30.63 17.23
CA SER B 435 26.91 -29.17 17.26
C SER B 435 27.99 -28.46 18.08
N HIS B 436 28.41 -27.27 17.64
CA HIS B 436 29.35 -26.40 18.40
C HIS B 436 28.57 -25.22 19.00
N ALA B 437 27.26 -25.39 19.22
CA ALA B 437 26.28 -24.30 19.41
C ALA B 437 25.11 -24.73 20.29
N ALA B 438 25.31 -25.71 21.18
CA ALA B 438 24.28 -26.23 22.11
C ALA B 438 24.02 -25.20 23.24
N ASN B 439 24.85 -24.16 23.31
CA ASN B 439 24.73 -23.07 24.32
C ASN B 439 23.47 -22.25 24.00
N TYR B 440 22.92 -22.37 22.79
CA TYR B 440 21.67 -21.70 22.32
C TYR B 440 20.43 -22.59 22.54
N ARG B 441 20.57 -23.78 23.12
CA ARG B 441 19.37 -24.63 23.39
C ARG B 441 18.61 -23.97 24.53
N ILE B 442 17.30 -24.22 24.58
CA ILE B 442 16.38 -23.67 25.61
C ILE B 442 15.59 -24.85 26.20
N ASP B 443 15.67 -25.07 27.52
CA ASP B 443 14.93 -26.17 28.18
C ASP B 443 13.44 -26.06 27.79
N GLY B 444 12.92 -27.09 27.13
CA GLY B 444 11.46 -27.28 26.93
C GLY B 444 10.96 -26.79 25.58
N TYR B 445 11.75 -26.00 24.85
CA TYR B 445 11.42 -25.48 23.50
C TYR B 445 12.49 -25.93 22.52
N GLU B 446 12.11 -26.48 21.36
CA GLU B 446 13.10 -26.85 20.29
C GLU B 446 13.46 -25.56 19.53
N VAL B 447 14.76 -25.27 19.42
CA VAL B 447 15.32 -24.08 18.75
C VAL B 447 16.11 -24.52 17.52
N GLU B 448 16.21 -23.67 16.52
CA GLU B 448 17.11 -23.87 15.36
C GLU B 448 17.69 -22.52 14.99
N GLY B 449 18.74 -22.47 14.18
CA GLY B 449 19.41 -21.19 13.86
C GLY B 449 20.77 -21.41 13.23
N LYS B 450 21.56 -20.34 13.15
CA LYS B 450 22.92 -20.33 12.61
C LYS B 450 23.73 -19.29 13.38
N THR B 451 24.90 -19.68 13.87
CA THR B 451 25.85 -18.84 14.65
C THR B 451 26.75 -18.07 13.69
N GLY B 452 27.43 -17.06 14.21
CA GLY B 452 28.33 -16.22 13.40
C GLY B 452 29.38 -15.61 14.29
N THR B 453 30.66 -15.78 13.94
CA THR B 453 31.78 -15.02 14.54
C THR B 453 32.59 -14.42 13.39
N ALA B 454 32.73 -13.09 13.37
CA ALA B 454 33.20 -12.34 12.19
C ALA B 454 34.19 -11.26 12.59
N GLN B 455 35.11 -10.98 11.69
CA GLN B 455 36.12 -9.93 11.93
C GLN B 455 35.43 -8.60 11.60
N VAL B 456 35.77 -7.58 12.38
CA VAL B 456 35.21 -6.21 12.29
C VAL B 456 36.23 -5.32 11.60
N ALA B 457 35.86 -4.64 10.52
CA ALA B 457 36.76 -3.73 9.79
C ALA B 457 37.18 -2.59 10.72
N ALA B 458 38.46 -2.23 10.69
CA ALA B 458 39.06 -1.17 11.53
C ALA B 458 38.49 0.16 11.08
N PRO B 459 37.97 1.00 12.01
CA PRO B 459 37.47 2.31 11.63
C PRO B 459 38.53 3.07 10.82
N ASN B 460 39.78 3.04 11.32
CA ASN B 460 40.93 3.84 10.83
C ASN B 460 41.64 3.07 9.72
N GLY B 461 41.20 3.26 8.47
CA GLY B 461 41.69 2.59 7.25
C GLY B 461 42.07 1.13 7.49
N GLY B 462 43.37 0.83 7.51
CA GLY B 462 43.95 -0.50 7.80
C GLY B 462 43.08 -1.61 7.24
N GLY B 463 42.99 -2.73 7.95
CA GLY B 463 42.22 -3.92 7.55
C GLY B 463 41.20 -4.25 8.62
N TYR B 464 41.46 -5.26 9.45
CA TYR B 464 40.55 -5.73 10.54
C TYR B 464 41.06 -5.30 11.92
N VAL B 465 40.12 -5.02 12.83
CA VAL B 465 40.39 -4.68 14.25
C VAL B 465 41.22 -5.82 14.86
N LYS B 466 42.32 -5.48 15.53
CA LYS B 466 43.25 -6.41 16.21
C LYS B 466 42.91 -6.41 17.70
N GLY B 467 43.22 -7.49 18.41
CA GLY B 467 42.86 -7.66 19.83
C GLY B 467 42.73 -9.12 20.21
N PRO B 468 42.33 -9.44 21.46
CA PRO B 468 42.27 -10.82 21.95
C PRO B 468 41.25 -11.69 21.19
N ASN B 469 39.99 -11.23 21.12
CA ASN B 469 38.92 -11.83 20.29
C ASN B 469 38.08 -10.72 19.66
N PRO B 470 38.59 -10.01 18.63
CA PRO B 470 38.00 -8.76 18.14
C PRO B 470 36.91 -9.01 17.10
N TYR B 471 35.83 -9.64 17.57
CA TYR B 471 34.77 -10.25 16.73
C TYR B 471 33.41 -9.57 16.94
N PHE B 472 32.59 -9.69 15.91
CA PHE B 472 31.13 -9.47 15.91
C PHE B 472 30.44 -10.83 16.03
N VAL B 473 30.13 -11.26 17.25
CA VAL B 473 29.36 -12.53 17.48
C VAL B 473 27.87 -12.27 17.28
N SER B 474 27.14 -13.23 16.70
CA SER B 474 25.73 -13.07 16.27
C SER B 474 25.04 -14.42 16.15
N PHE B 475 23.72 -14.43 16.20
CA PHE B 475 22.89 -15.65 16.08
C PHE B 475 21.54 -15.24 15.48
N MET B 476 21.11 -16.03 14.52
CA MET B 476 19.90 -15.82 13.69
C MET B 476 19.05 -17.05 13.94
N GLY B 477 18.32 -17.04 15.04
CA GLY B 477 17.55 -18.19 15.54
C GLY B 477 16.06 -18.04 15.30
N ASP B 478 15.30 -19.05 15.71
CA ASP B 478 13.85 -19.15 15.46
C ASP B 478 13.32 -20.37 16.20
N ALA B 479 12.10 -20.27 16.72
CA ALA B 479 11.46 -21.31 17.54
C ALA B 479 9.95 -21.11 17.50
N PRO B 480 9.14 -22.18 17.69
CA PRO B 480 9.63 -23.56 17.72
C PRO B 480 10.13 -23.98 16.34
N LYS B 481 10.94 -25.02 16.27
CA LYS B 481 11.69 -25.36 15.03
C LYS B 481 10.73 -25.97 14.00
N LYS B 482 10.99 -25.65 12.73
CA LYS B 482 10.25 -26.07 11.50
C LYS B 482 9.10 -25.10 11.27
N ASN B 483 8.21 -24.93 12.26
CA ASN B 483 7.02 -24.05 12.25
C ASN B 483 7.20 -23.02 13.35
N PRO B 484 8.12 -22.06 13.18
CA PRO B 484 8.40 -21.08 14.23
C PRO B 484 7.36 -19.96 14.28
N LYS B 485 7.13 -19.43 15.48
CA LYS B 485 6.31 -18.24 15.77
C LYS B 485 7.17 -17.00 15.52
N VAL B 486 8.40 -16.99 16.02
CA VAL B 486 9.29 -15.79 15.94
C VAL B 486 10.68 -16.18 15.44
N ILE B 487 11.37 -15.16 14.93
CA ILE B 487 12.81 -15.14 14.57
C ILE B 487 13.46 -14.12 15.50
N VAL B 488 14.47 -14.52 16.26
CA VAL B 488 15.29 -13.58 17.09
C VAL B 488 16.66 -13.49 16.45
N TYR B 489 17.15 -12.28 16.18
CA TYR B 489 18.48 -12.03 15.59
C TYR B 489 19.18 -11.02 16.49
N ALA B 490 20.15 -11.47 17.28
CA ALA B 490 20.97 -10.59 18.15
C ALA B 490 22.38 -10.57 17.61
N GLY B 491 23.11 -9.48 17.84
CA GLY B 491 24.51 -9.33 17.42
C GLY B 491 25.27 -8.43 18.39
N MET B 492 26.47 -8.83 18.79
CA MET B 492 27.38 -8.07 19.68
C MET B 492 28.71 -7.84 18.98
N SER B 493 29.26 -6.64 19.03
CA SER B 493 30.45 -6.25 18.25
C SER B 493 31.51 -5.73 19.22
N LEU B 494 32.67 -6.42 19.25
CA LEU B 494 33.89 -6.01 19.98
C LEU B 494 33.58 -5.91 21.48
N ALA B 495 33.28 -7.03 22.15
CA ALA B 495 33.16 -7.06 23.64
C ALA B 495 34.47 -6.55 24.25
N GLN B 496 34.46 -5.49 25.09
CA GLN B 496 35.66 -4.93 25.79
C GLN B 496 35.82 -5.54 27.19
N LYS B 497 34.95 -6.48 27.56
CA LYS B 497 35.04 -7.25 28.83
C LYS B 497 34.50 -8.65 28.53
N ASN B 498 34.93 -9.66 29.29
CA ASN B 498 34.69 -11.10 29.07
C ASN B 498 34.77 -11.44 27.57
N ASP B 499 35.73 -10.90 26.82
CA ASP B 499 35.82 -11.09 25.35
C ASP B 499 36.05 -12.58 25.00
N GLN B 500 36.59 -13.36 25.92
CA GLN B 500 36.81 -14.83 25.77
C GLN B 500 35.43 -15.51 25.80
N GLU B 501 34.64 -15.19 26.82
CA GLU B 501 33.27 -15.74 26.99
C GLU B 501 32.38 -15.33 25.80
N ALA B 502 32.63 -14.14 25.23
CA ALA B 502 31.94 -13.60 24.02
C ALA B 502 32.13 -14.58 22.86
N TYR B 503 33.38 -14.85 22.48
CA TYR B 503 33.75 -15.83 21.44
C TYR B 503 33.09 -17.18 21.72
N GLU B 504 33.11 -17.65 22.97
CA GLU B 504 32.69 -19.04 23.31
C GLU B 504 31.17 -19.15 23.33
N LEU B 505 30.46 -18.12 23.84
CA LEU B 505 29.00 -18.20 24.07
C LEU B 505 28.22 -17.37 23.04
N GLY B 506 28.91 -16.48 22.31
CA GLY B 506 28.31 -15.47 21.41
C GLY B 506 27.23 -14.69 22.13
N VAL B 507 26.00 -14.74 21.61
CA VAL B 507 24.86 -13.93 22.12
C VAL B 507 23.83 -14.90 22.74
N SER B 508 24.28 -16.05 23.27
CA SER B 508 23.36 -17.07 23.87
C SER B 508 22.74 -16.50 25.16
N LYS B 509 23.43 -15.60 25.86
CA LYS B 509 22.97 -15.04 27.15
C LYS B 509 21.86 -14.01 26.92
N ALA B 510 21.70 -13.50 25.68
CA ALA B 510 20.59 -12.62 25.24
C ALA B 510 19.51 -13.43 24.53
N PHE B 511 19.89 -14.29 23.59
CA PHE B 511 18.95 -15.10 22.78
C PHE B 511 18.08 -15.98 23.69
N LYS B 512 18.67 -16.70 24.64
CA LYS B 512 17.92 -17.69 25.46
C LYS B 512 16.79 -17.01 26.22
N PRO B 513 17.05 -15.99 27.07
CA PRO B 513 15.97 -15.30 27.79
C PRO B 513 14.96 -14.62 26.85
N ILE B 514 15.44 -13.83 25.88
CA ILE B 514 14.55 -13.16 24.90
C ILE B 514 13.58 -14.18 24.30
N MET B 515 14.08 -15.31 23.82
CA MET B 515 13.28 -16.32 23.09
C MET B 515 12.38 -17.05 24.09
N GLU B 516 12.90 -17.39 25.27
CA GLU B 516 12.17 -18.25 26.24
C GLU B 516 10.98 -17.49 26.80
N ASN B 517 11.14 -16.19 27.05
CA ASN B 517 10.08 -15.31 27.61
C ASN B 517 9.06 -14.98 26.53
N THR B 518 9.52 -14.76 25.29
CA THR B 518 8.66 -14.45 24.12
C THR B 518 7.79 -15.67 23.80
N LEU B 519 8.29 -16.88 23.96
CA LEU B 519 7.48 -18.09 23.67
C LEU B 519 6.43 -18.27 24.78
N LYS B 520 6.78 -18.09 26.07
CA LYS B 520 5.83 -18.17 27.22
C LYS B 520 4.69 -17.16 27.00
N TYR B 521 5.04 -15.93 26.64
CA TYR B 521 4.12 -14.77 26.45
C TYR B 521 3.21 -14.97 25.24
N LEU B 522 3.60 -15.81 24.28
CA LEU B 522 2.78 -16.12 23.08
C LEU B 522 2.08 -17.47 23.29
N ASN B 523 2.13 -17.99 24.52
CA ASN B 523 1.43 -19.23 24.94
C ASN B 523 1.77 -20.35 23.96
N VAL B 524 3.07 -20.61 23.74
CA VAL B 524 3.56 -21.77 22.96
C VAL B 524 3.86 -22.89 23.96
N GLY B 525 3.27 -24.07 23.70
CA GLY B 525 3.32 -25.28 24.56
C GLY B 525 4.76 -25.76 24.76
N LYS B 526 5.14 -25.98 26.03
CA LYS B 526 6.51 -26.36 26.47
C LYS B 526 6.57 -27.88 26.66
N SER B 527 7.05 -28.64 25.66
CA SER B 527 7.13 -30.13 25.64
C SER B 527 7.84 -30.64 26.89
C1 CIT C . -19.64 5.43 18.07
O1 CIT C . -20.07 6.00 19.09
O2 CIT C . -18.53 5.63 17.56
C2 CIT C . -20.52 4.35 17.47
C3 CIT C . -20.06 3.00 17.93
O7 CIT C . -19.22 3.27 19.03
C4 CIT C . -21.25 2.15 18.37
C5 CIT C . -20.92 0.94 19.25
O3 CIT C . -21.03 1.08 20.49
O4 CIT C . -20.59 -0.14 18.71
C6 CIT C . -19.23 2.35 16.81
O5 CIT C . -19.83 1.94 15.81
O6 CIT C . -18.00 2.31 16.96
S SO4 D . -16.10 -1.10 -30.32
O1 SO4 D . -16.33 -2.33 -29.57
O2 SO4 D . -17.33 -0.69 -30.95
O3 SO4 D . -15.08 -1.28 -31.33
O4 SO4 D . -15.68 -0.06 -29.42
C1 CIT E . -24.17 26.94 13.29
O1 CIT E . -25.11 26.19 12.91
O2 CIT E . -23.18 26.55 13.96
C2 CIT E . -24.26 28.43 12.95
C3 CIT E . -24.90 28.82 11.61
O7 CIT E . -24.82 27.71 10.74
C4 CIT E . -26.37 29.20 11.83
C5 CIT E . -27.34 29.09 10.65
O3 CIT E . -28.28 28.29 10.76
O4 CIT E . -27.22 29.85 9.66
C6 CIT E . -24.15 30.07 11.03
O5 CIT E . -23.60 30.83 11.83
O6 CIT E . -24.19 30.25 9.79
S SO4 F . -48.37 27.47 2.75
O1 SO4 F . -47.60 27.30 3.95
O2 SO4 F . -49.77 27.43 3.08
O3 SO4 F . -48.07 26.40 1.82
O4 SO4 F . -48.05 28.74 2.14
S SO4 G . -21.09 14.52 16.56
O1 SO4 G . -21.55 13.52 17.49
O2 SO4 G . -22.22 15.11 15.90
O3 SO4 G . -20.25 13.90 15.57
O4 SO4 G . -20.33 15.52 17.24
S SO4 H . -52.10 20.53 6.17
O1 SO4 H . -51.58 20.47 7.51
O2 SO4 H . -53.45 21.01 6.20
O3 SO4 H . -52.06 19.21 5.58
O4 SO4 H . -51.29 21.45 5.39
S SO4 I . -44.90 1.63 4.97
O1 SO4 I . -46.11 1.73 5.75
O2 SO4 I . -45.15 0.82 3.79
O3 SO4 I . -43.87 1.01 5.77
O4 SO4 I . -44.47 2.96 4.57
O8 PNM J . -32.31 15.43 -6.68
C7 PNM J . -33.19 15.37 -5.84
N4 PNM J . -35.01 13.64 -6.63
C3 PNM J . -35.84 13.04 -7.72
C11 PNM J . -35.92 11.54 -7.39
O13 PNM J . -35.85 10.77 -8.40
O12 PNM J . -36.05 11.26 -6.14
C2 PNM J . -37.28 13.73 -7.79
C10 PNM J . -38.42 12.94 -7.20
C9 PNM J . -37.60 14.16 -9.22
S1 PNM J . -37.10 15.31 -6.82
C5 PNM J . -35.58 14.81 -5.94
C6 PNM J . -34.57 15.92 -6.09
N14 PNM J . -34.63 16.49 -7.44
C15 PNM J . -35.10 17.72 -7.64
O16 PNM J . -35.76 18.30 -6.77
C17 PNM J . -34.88 18.32 -9.01
C18 PNM J . -35.97 17.84 -9.95
C19 PNM J . -35.67 17.19 -11.13
C20 PNM J . -36.67 16.74 -12.00
C21 PNM J . -38.00 16.95 -11.70
C22 PNM J . -38.33 17.60 -10.52
C23 PNM J . -37.33 18.03 -9.66
S SO4 K . -9.41 14.33 8.08
O1 SO4 K . -10.30 13.20 8.11
O2 SO4 K . -10.12 15.50 8.53
O3 SO4 K . -8.30 14.07 8.99
O4 SO4 K . -8.95 14.55 6.73
S SO4 L . -2.29 -9.46 17.71
O1 SO4 L . -3.23 -10.29 18.42
O2 SO4 L . -3.00 -8.43 16.99
O3 SO4 L . -1.56 -10.27 16.77
O4 SO4 L . -1.38 -8.86 18.65
S SO4 M . -1.30 3.07 28.67
O1 SO4 M . -2.60 2.95 28.04
O2 SO4 M . -1.29 4.24 29.51
O3 SO4 M . -1.01 1.89 29.46
O4 SO4 M . -0.30 3.23 27.65
C1 CIT N . 18.83 3.68 31.61
O1 CIT N . 18.30 3.19 32.61
O2 CIT N . 19.75 3.14 30.96
C2 CIT N . 18.34 5.03 31.14
C3 CIT N . 19.18 6.22 31.59
O7 CIT N . 18.31 7.35 31.73
C4 CIT N . 19.78 5.92 32.97
C5 CIT N . 18.76 5.70 34.08
O3 CIT N . 18.20 6.70 34.56
O4 CIT N . 18.51 4.53 34.44
C6 CIT N . 20.31 6.57 30.58
O5 CIT N . 20.20 6.12 29.40
O6 CIT N . 21.23 7.31 30.98
S SO4 O . 35.82 -33.50 16.03
O1 SO4 O . 35.18 -33.84 17.28
O2 SO4 O . 35.12 -32.40 15.43
O3 SO4 O . 35.79 -34.63 15.13
O4 SO4 O . 37.19 -33.11 16.27
S SO4 P . 7.15 26.83 26.60
O1 SO4 P . 6.87 27.36 27.90
O2 SO4 P . 6.04 26.01 26.17
O3 SO4 P . 8.36 26.04 26.66
O4 SO4 P . 7.34 27.92 25.67
S SO4 Q . 7.00 -23.83 -4.99
O1 SO4 Q . 6.41 -25.15 -4.85
O2 SO4 Q . 5.94 -22.89 -5.16
O3 SO4 Q . 7.88 -23.73 -6.12
O4 SO4 Q . 7.71 -23.53 -3.78
O8 PNM R . 31.57 -16.44 10.34
C7 PNM R . 31.63 -17.63 10.14
N4 PNM R . 31.68 -18.81 12.57
C3 PNM R . 31.98 -19.22 13.97
C11 PNM R . 30.67 -19.83 14.49
O13 PNM R . 30.06 -20.58 13.65
O12 PNM R . 30.30 -19.49 15.64
C2 PNM R . 33.24 -20.18 13.98
C10 PNM R . 34.36 -19.56 14.84
C9 PNM R . 32.93 -21.58 14.48
S1 PNM R . 33.88 -20.33 12.23
C5 PNM R . 32.37 -19.56 11.50
C6 PNM R . 32.84 -18.48 10.53
N14 PNM R . 33.86 -17.63 11.15
C15 PNM R . 35.11 -17.67 10.73
O16 PNM R . 35.50 -18.60 10.03
C17 PNM R . 36.04 -16.56 11.19
C18 PNM R . 36.58 -16.92 12.57
C19 PNM R . 36.34 -16.10 13.66
C20 PNM R . 36.80 -16.46 14.94
C21 PNM R . 37.51 -17.64 15.11
C22 PNM R . 37.77 -18.45 14.02
C23 PNM R . 37.29 -18.11 12.77
#